data_7S8T
#
_entry.id   7S8T
#
_cell.length_a   148.703
_cell.length_b   47.797
_cell.length_c   135.330
_cell.angle_alpha   90.000
_cell.angle_beta   90.130
_cell.angle_gamma   90.000
#
_symmetry.space_group_name_H-M   'C 1 2 1'
#
loop_
_entity.id
_entity.type
_entity.pdbx_description
1 polymer EncC
2 non-polymer 'FE (III) ION'
3 water water
#
_entity_poly.entity_id   1
_entity_poly.type   'polypeptide(L)'
_entity_poly.pdbx_seq_one_letter_code
;MHHHHHHMPQTNPFHSLVPRKMTDTELARSIRLNIEAELDAINLYAAHIDATDNEDAKAILQHVMDEEREHAALFWELIA
RLDPEQAAHAKEAVEKYRLITSGASHEAVEAVGKEGAAPSPADVTPEKRLTVGSLRR
;
_entity_poly.pdbx_strand_id   A,B,C,D,E,F,G,H,I,J
#
# COMPACT_ATOMS: atom_id res chain seq x y z
N PRO A 19 -13.95 21.24 -3.82
CA PRO A 19 -14.64 20.07 -3.27
C PRO A 19 -14.61 20.04 -1.75
N ARG A 20 -13.90 21.00 -1.14
CA ARG A 20 -13.73 21.09 0.30
C ARG A 20 -12.94 22.34 0.61
N LYS A 21 -13.36 23.05 1.67
CA LYS A 21 -12.71 24.29 2.08
C LYS A 21 -12.77 24.42 3.60
N MET A 22 -11.59 24.59 4.23
CA MET A 22 -11.48 24.80 5.67
C MET A 22 -10.18 25.52 5.97
N THR A 23 -10.25 26.50 6.88
CA THR A 23 -9.07 27.27 7.21
C THR A 23 -8.12 26.56 8.18
N ASP A 24 -8.61 25.58 8.94
CA ASP A 24 -7.80 24.90 9.94
C ASP A 24 -7.16 23.60 9.46
N THR A 25 -7.89 22.51 9.40
CA THR A 25 -7.19 21.26 9.02
C THR A 25 -7.06 21.15 7.50
N GLU A 26 -8.08 21.55 6.75
CA GLU A 26 -8.01 21.33 5.32
C GLU A 26 -6.90 22.17 4.69
N LEU A 27 -6.36 23.10 5.45
CA LEU A 27 -5.22 23.92 5.06
C LEU A 27 -3.91 23.48 5.72
N ALA A 28 -3.93 23.21 7.02
CA ALA A 28 -2.70 22.94 7.78
C ALA A 28 -2.18 21.52 7.61
N ARG A 29 -3.08 20.54 7.70
CA ARG A 29 -2.72 19.13 7.50
C ARG A 29 -2.11 18.90 6.13
N SER A 30 -2.64 19.55 5.11
CA SER A 30 -2.10 19.39 3.77
C SER A 30 -0.69 19.97 3.65
N ILE A 31 -0.43 21.10 4.32
CA ILE A 31 0.91 21.69 4.22
C ILE A 31 1.91 20.91 5.05
N ARG A 32 1.47 20.36 6.19
CA ARG A 32 2.33 19.43 6.92
C ARG A 32 2.65 18.22 6.06
N LEU A 33 1.68 17.74 5.29
CA LEU A 33 1.93 16.65 4.34
C LEU A 33 2.92 17.08 3.26
N ASN A 34 2.82 18.32 2.80
CA ASN A 34 3.71 18.82 1.76
C ASN A 34 5.16 18.90 2.23
N ILE A 35 5.38 19.25 3.50
CA ILE A 35 6.74 19.20 4.02
C ILE A 35 7.29 17.78 3.93
N GLU A 36 6.46 16.81 4.32
CA GLU A 36 6.85 15.41 4.19
C GLU A 36 7.17 15.05 2.75
N ALA A 37 6.36 15.53 1.80
CA ALA A 37 6.59 15.19 0.40
C ALA A 37 7.89 15.77 -0.13
N GLU A 38 8.16 17.02 0.24
CA GLU A 38 9.42 17.68 -0.18
C GLU A 38 10.60 16.86 0.35
N LEU A 39 10.61 16.57 1.65
CA LEU A 39 11.70 15.77 2.22
C LEU A 39 11.78 14.37 1.64
N ASP A 40 10.65 13.75 1.28
CA ASP A 40 10.71 12.45 0.63
C ASP A 40 11.46 12.58 -0.69
N ALA A 41 11.19 13.67 -1.42
CA ALA A 41 11.92 13.92 -2.66
C ALA A 41 13.40 14.14 -2.38
N ILE A 42 13.73 14.86 -1.30
CA ILE A 42 15.13 15.10 -0.96
C ILE A 42 15.86 13.80 -0.63
N ASN A 43 15.25 12.92 0.15
CA ASN A 43 15.90 11.65 0.45
C ASN A 43 16.07 10.82 -0.81
N LEU A 44 15.05 10.80 -1.66
CA LEU A 44 15.14 9.99 -2.86
C LEU A 44 16.24 10.51 -3.78
N TYR A 45 16.34 11.84 -3.86
CA TYR A 45 17.38 12.45 -4.72
C TYR A 45 18.77 12.16 -4.15
N ALA A 46 18.90 12.24 -2.83
CA ALA A 46 20.19 11.96 -2.21
C ALA A 46 20.59 10.51 -2.46
N ALA A 47 19.61 9.61 -2.47
CA ALA A 47 19.88 8.22 -2.82
C ALA A 47 20.26 8.10 -4.30
N HIS A 48 19.70 8.94 -5.16
CA HIS A 48 20.04 8.88 -6.57
C HIS A 48 21.37 9.55 -6.88
N ILE A 49 21.87 10.43 -6.00
CA ILE A 49 23.20 10.99 -6.17
C ILE A 49 24.25 9.92 -5.90
N ASP A 50 23.98 9.06 -4.92
CA ASP A 50 24.94 8.05 -4.46
C ASP A 50 24.69 6.66 -5.05
N ALA A 51 24.02 6.57 -6.20
CA ALA A 51 23.75 5.27 -6.80
C ALA A 51 24.16 5.20 -8.27
N THR A 52 24.99 6.12 -8.74
CA THR A 52 25.46 6.08 -10.12
C THR A 52 26.70 6.94 -10.24
N ASP A 53 27.32 6.89 -11.43
CA ASP A 53 28.48 7.71 -11.76
C ASP A 53 28.25 8.50 -13.05
N ASN A 54 27.01 8.93 -13.29
CA ASN A 54 26.74 9.77 -14.44
C ASN A 54 26.92 11.22 -14.01
N GLU A 55 27.34 12.05 -14.96
CA GLU A 55 27.64 13.45 -14.65
C GLU A 55 26.51 14.38 -15.04
N ASP A 56 25.85 14.09 -16.16
CA ASP A 56 24.66 14.82 -16.55
C ASP A 56 23.52 14.55 -15.57
N ALA A 57 23.27 13.26 -15.30
CA ALA A 57 22.27 12.89 -14.30
C ALA A 57 22.61 13.45 -12.93
N LYS A 58 23.88 13.34 -12.51
CA LYS A 58 24.26 13.89 -11.22
C LYS A 58 23.97 15.38 -11.18
N ALA A 59 24.28 16.09 -12.26
CA ALA A 59 24.08 17.53 -12.29
C ALA A 59 22.60 17.87 -12.17
N ILE A 60 21.76 17.21 -12.96
CA ILE A 60 20.34 17.59 -12.94
C ILE A 60 19.72 17.16 -11.61
N LEU A 61 20.19 16.04 -11.04
CA LEU A 61 19.68 15.58 -9.75
C LEU A 61 20.07 16.52 -8.61
N GLN A 62 21.32 17.00 -8.57
CA GLN A 62 21.66 17.91 -7.48
C GLN A 62 20.95 19.24 -7.68
N HIS A 63 20.74 19.65 -8.93
CA HIS A 63 19.99 20.87 -9.22
C HIS A 63 18.55 20.76 -8.72
N VAL A 64 17.85 19.70 -9.12
CA VAL A 64 16.47 19.49 -8.70
C VAL A 64 16.39 19.31 -7.19
N MET A 65 17.39 18.64 -6.60
CA MET A 65 17.41 18.43 -5.15
C MET A 65 17.54 19.75 -4.40
N ASP A 66 18.41 20.65 -4.87
CA ASP A 66 18.57 21.92 -4.19
C ASP A 66 17.28 22.76 -4.30
N GLU A 67 16.63 22.71 -5.48
CA GLU A 67 15.36 23.43 -5.63
C GLU A 67 14.26 22.83 -4.73
N GLU A 68 14.28 21.52 -4.54
CA GLU A 68 13.24 21.03 -3.60
C GLU A 68 13.62 21.46 -2.18
N ARG A 69 14.92 21.58 -1.90
CA ARG A 69 15.28 22.09 -0.58
C ARG A 69 14.66 23.47 -0.34
N GLU A 70 14.67 24.35 -1.36
CA GLU A 70 13.86 25.57 -1.23
C GLU A 70 12.38 25.30 -1.04
N HIS A 71 11.81 24.36 -1.79
CA HIS A 71 10.37 24.08 -1.61
C HIS A 71 10.08 23.68 -0.17
N ALA A 72 10.91 22.81 0.41
CA ALA A 72 10.69 22.37 1.79
C ALA A 72 10.83 23.52 2.78
N ALA A 73 11.85 24.37 2.60
CA ALA A 73 12.01 25.52 3.49
C ALA A 73 10.82 26.46 3.40
N LEU A 74 10.30 26.65 2.19
CA LEU A 74 9.15 27.53 2.00
C LEU A 74 7.92 26.98 2.69
N PHE A 75 7.66 25.69 2.55
CA PHE A 75 6.53 25.10 3.27
C PHE A 75 6.74 25.19 4.78
N TRP A 76 7.99 25.14 5.25
CA TRP A 76 8.24 25.31 6.68
C TRP A 76 7.87 26.72 7.13
N GLU A 77 8.20 27.73 6.34
CA GLU A 77 7.70 29.07 6.66
C GLU A 77 6.19 29.18 6.52
N LEU A 78 5.59 28.43 5.60
CA LEU A 78 4.14 28.44 5.48
C LEU A 78 3.51 27.98 6.78
N ILE A 79 4.00 26.84 7.33
CA ILE A 79 3.47 26.37 8.60
C ILE A 79 3.83 27.34 9.72
N ALA A 80 4.95 28.05 9.59
CA ALA A 80 5.30 29.05 10.61
C ALA A 80 4.36 30.24 10.57
N ARG A 81 4.06 30.74 9.37
CA ARG A 81 3.16 31.88 9.20
C ARG A 81 1.70 31.45 9.11
N LEU A 82 1.39 30.26 9.60
CA LEU A 82 0.06 29.70 9.61
C LEU A 82 -0.42 29.70 11.06
N ASP A 83 -1.52 29.01 11.32
CA ASP A 83 -1.97 28.80 12.70
C ASP A 83 -0.91 28.17 13.60
N PRO A 84 -0.09 27.22 13.16
CA PRO A 84 0.97 26.69 14.04
C PRO A 84 1.96 27.76 14.49
N GLU A 85 2.74 27.39 15.51
CA GLU A 85 3.60 28.29 16.24
C GLU A 85 5.06 28.22 15.78
N GLN A 86 5.63 29.36 15.43
CA GLN A 86 7.06 29.37 15.18
C GLN A 86 7.84 29.56 16.48
N ALA A 87 7.15 29.44 17.62
CA ALA A 87 7.74 29.48 18.95
C ALA A 87 8.48 28.20 19.27
N ALA A 88 8.25 27.14 18.49
CA ALA A 88 9.02 25.91 18.64
C ALA A 88 10.40 26.09 18.04
N HIS A 89 10.49 26.84 16.95
CA HIS A 89 11.75 27.14 16.28
C HIS A 89 12.48 28.36 16.85
N ALA A 90 12.16 28.78 18.08
CA ALA A 90 12.99 29.79 18.73
C ALA A 90 13.83 29.27 19.89
N LYS A 91 13.39 28.20 20.57
CA LYS A 91 14.19 27.58 21.62
C LYS A 91 14.83 26.28 21.17
N GLU A 92 14.79 25.98 19.87
CA GLU A 92 15.25 24.70 19.38
C GLU A 92 16.77 24.65 19.19
N ALA A 93 17.38 25.76 18.78
CA ALA A 93 18.83 25.78 18.65
C ALA A 93 19.51 25.69 20.00
N VAL A 94 18.83 26.12 21.07
CA VAL A 94 19.39 26.01 22.40
C VAL A 94 19.03 24.66 23.04
N GLU A 95 17.84 24.13 22.77
CA GLU A 95 17.49 22.85 23.38
C GLU A 95 18.15 21.69 22.68
N LYS A 96 18.60 21.89 21.44
CA LYS A 96 19.56 20.96 20.87
C LYS A 96 20.86 21.05 21.65
N TYR A 97 21.32 22.28 21.92
CA TYR A 97 22.48 22.47 22.77
C TYR A 97 22.16 22.11 24.22
N ARG A 98 20.88 22.21 24.62
CA ARG A 98 20.53 21.80 25.98
C ARG A 98 20.54 20.28 26.12
N LEU A 99 20.71 19.58 25.01
CA LEU A 99 20.89 18.13 24.99
C LEU A 99 22.36 17.92 24.64
N ILE A 100 23.21 18.01 25.67
CA ILE A 100 24.66 17.99 25.50
C ILE A 100 25.08 19.08 24.53
N LYS B 21 -13.59 16.71 -12.51
CA LYS B 21 -14.09 17.70 -13.45
C LYS B 21 -13.79 17.28 -14.89
N MET B 22 -13.32 18.23 -15.71
CA MET B 22 -12.99 17.89 -17.11
C MET B 22 -12.09 18.94 -17.75
N THR B 23 -11.46 19.81 -16.98
CA THR B 23 -10.43 20.73 -17.46
C THR B 23 -9.25 20.77 -16.49
N ASP B 24 -9.50 21.09 -15.22
CA ASP B 24 -8.40 21.18 -14.27
C ASP B 24 -8.24 19.91 -13.42
N THR B 25 -9.14 19.75 -12.44
CA THR B 25 -9.02 18.68 -11.45
C THR B 25 -8.86 17.30 -12.07
N GLU B 26 -9.85 16.86 -12.85
CA GLU B 26 -9.79 15.54 -13.46
C GLU B 26 -9.08 15.49 -14.81
N LEU B 27 -8.68 16.62 -15.39
CA LEU B 27 -8.03 16.47 -16.69
C LEU B 27 -6.51 16.62 -16.67
N ALA B 28 -5.95 17.63 -16.02
CA ALA B 28 -4.50 17.81 -16.08
C ALA B 28 -3.79 16.82 -15.16
N ARG B 29 -4.28 16.71 -13.93
CA ARG B 29 -3.72 15.77 -12.97
C ARG B 29 -3.83 14.34 -13.49
N SER B 30 -4.95 14.01 -14.12
CA SER B 30 -5.16 12.67 -14.63
C SER B 30 -4.20 12.33 -15.76
N ILE B 31 -3.91 13.28 -16.64
CA ILE B 31 -3.01 12.98 -17.74
C ILE B 31 -1.57 12.87 -17.25
N ARG B 32 -1.19 13.69 -16.28
CA ARG B 32 0.12 13.49 -15.65
C ARG B 32 0.21 12.11 -15.00
N LEU B 33 -0.86 11.66 -14.36
CA LEU B 33 -0.88 10.31 -13.78
C LEU B 33 -0.75 9.24 -14.85
N ASN B 34 -1.41 9.43 -15.99
CA ASN B 34 -1.30 8.46 -17.07
C ASN B 34 0.12 8.40 -17.60
N ILE B 35 0.79 9.56 -17.65
CA ILE B 35 2.21 9.60 -18.03
C ILE B 35 3.02 8.78 -17.04
N GLU B 36 2.75 8.94 -15.74
CA GLU B 36 3.43 8.14 -14.73
C GLU B 36 3.21 6.64 -14.97
N ALA B 37 1.98 6.25 -15.28
CA ALA B 37 1.67 4.84 -15.45
C ALA B 37 2.38 4.26 -16.67
N GLU B 38 2.41 5.00 -17.78
CA GLU B 38 3.13 4.54 -18.95
C GLU B 38 4.62 4.42 -18.67
N LEU B 39 5.18 5.37 -17.92
CA LEU B 39 6.59 5.28 -17.56
C LEU B 39 6.86 4.07 -16.67
N ASP B 40 5.94 3.76 -15.76
CA ASP B 40 6.11 2.57 -14.93
C ASP B 40 6.10 1.32 -15.80
N ALA B 41 5.23 1.28 -16.81
CA ALA B 41 5.21 0.13 -17.71
C ALA B 41 6.52 0.03 -18.49
N ILE B 42 7.07 1.16 -18.93
CA ILE B 42 8.33 1.16 -19.66
C ILE B 42 9.45 0.64 -18.77
N ASN B 43 9.50 1.09 -17.53
CA ASN B 43 10.53 0.62 -16.61
C ASN B 43 10.38 -0.88 -16.36
N LEU B 44 9.14 -1.35 -16.22
CA LEU B 44 8.90 -2.76 -15.96
C LEU B 44 9.36 -3.62 -17.13
N TYR B 45 9.04 -3.18 -18.36
CA TYR B 45 9.44 -3.93 -19.54
C TYR B 45 10.96 -3.89 -19.74
N ALA B 46 11.61 -2.78 -19.37
CA ALA B 46 13.07 -2.75 -19.42
C ALA B 46 13.67 -3.71 -18.40
N ALA B 47 13.01 -3.86 -17.25
CA ALA B 47 13.45 -4.85 -16.28
C ALA B 47 13.25 -6.27 -16.80
N HIS B 48 12.21 -6.49 -17.60
CA HIS B 48 12.00 -7.81 -18.18
C HIS B 48 12.93 -8.06 -19.37
N ILE B 49 13.48 -7.00 -19.97
CA ILE B 49 14.51 -7.20 -20.99
C ILE B 49 15.80 -7.69 -20.38
N ASP B 50 16.12 -7.25 -19.15
CA ASP B 50 17.37 -7.62 -18.51
C ASP B 50 17.22 -8.82 -17.58
N ALA B 51 16.17 -9.62 -17.76
CA ALA B 51 15.95 -10.79 -16.90
C ALA B 51 15.68 -12.05 -17.71
N THR B 52 16.06 -12.10 -18.99
CA THR B 52 15.78 -13.29 -19.80
C THR B 52 16.85 -13.45 -20.86
N ASP B 53 16.83 -14.60 -21.52
CA ASP B 53 17.66 -14.86 -22.69
C ASP B 53 16.82 -15.39 -23.84
N ASN B 54 15.54 -15.07 -23.86
CA ASN B 54 14.65 -15.45 -24.96
C ASN B 54 14.67 -14.30 -25.94
N GLU B 55 14.53 -14.65 -27.22
CA GLU B 55 14.67 -13.67 -28.27
C GLU B 55 13.34 -13.27 -28.90
N ASP B 56 12.39 -14.20 -28.99
CA ASP B 56 11.03 -13.82 -29.38
C ASP B 56 10.40 -12.96 -28.28
N ALA B 57 10.51 -13.41 -27.03
CA ALA B 57 10.05 -12.61 -25.91
C ALA B 57 10.77 -11.27 -25.85
N LYS B 58 12.10 -11.29 -26.07
CA LYS B 58 12.85 -10.04 -26.08
C LYS B 58 12.33 -9.08 -27.15
N ALA B 59 12.03 -9.61 -28.33
CA ALA B 59 11.57 -8.77 -29.44
C ALA B 59 10.23 -8.16 -29.13
N ILE B 60 9.29 -8.99 -28.66
CA ILE B 60 7.98 -8.45 -28.38
C ILE B 60 8.06 -7.49 -27.19
N LEU B 61 9.02 -7.69 -26.28
CA LEU B 61 9.13 -6.81 -25.12
C LEU B 61 9.69 -5.44 -25.51
N GLN B 62 10.62 -5.41 -26.45
CA GLN B 62 11.22 -4.12 -26.87
C GLN B 62 10.20 -3.39 -27.75
N HIS B 63 9.36 -4.14 -28.46
CA HIS B 63 8.30 -3.52 -29.25
C HIS B 63 7.22 -2.89 -28.36
N VAL B 64 6.73 -3.65 -27.38
CA VAL B 64 5.72 -3.10 -26.51
C VAL B 64 6.31 -1.95 -25.69
N MET B 65 7.59 -2.04 -25.29
CA MET B 65 8.20 -0.95 -24.55
C MET B 65 8.30 0.31 -25.39
N ASP B 66 8.64 0.16 -26.67
CA ASP B 66 8.65 1.27 -27.62
C ASP B 66 7.27 1.86 -27.79
N GLU B 67 6.25 1.02 -27.83
CA GLU B 67 4.89 1.54 -27.95
C GLU B 67 4.48 2.31 -26.69
N GLU B 68 4.92 1.83 -25.52
CA GLU B 68 4.63 2.59 -24.28
C GLU B 68 5.39 3.92 -24.35
N ARG B 69 6.62 3.93 -24.87
CA ARG B 69 7.36 5.17 -25.02
C ARG B 69 6.63 6.12 -25.97
N GLU B 70 6.04 5.57 -27.03
CA GLU B 70 5.20 6.38 -27.92
C GLU B 70 4.02 6.97 -27.16
N HIS B 71 3.41 6.16 -26.28
CA HIS B 71 2.30 6.68 -25.45
C HIS B 71 2.81 7.82 -24.57
N ALA B 72 3.98 7.65 -23.95
CA ALA B 72 4.49 8.67 -23.04
C ALA B 72 4.77 9.96 -23.79
N ALA B 73 5.35 9.85 -24.98
CA ALA B 73 5.59 11.05 -25.79
C ALA B 73 4.29 11.74 -26.17
N LEU B 74 3.27 10.96 -26.53
CA LEU B 74 1.99 11.53 -26.92
C LEU B 74 1.33 12.24 -25.75
N PHE B 75 1.29 11.59 -24.59
CA PHE B 75 0.72 12.21 -23.39
C PHE B 75 1.48 13.48 -23.01
N TRP B 76 2.80 13.47 -23.20
CA TRP B 76 3.59 14.66 -22.89
C TRP B 76 3.22 15.82 -23.81
N GLU B 77 3.08 15.56 -25.10
CA GLU B 77 2.70 16.64 -26.00
C GLU B 77 1.29 17.12 -25.72
N LEU B 78 0.36 16.22 -25.36
CA LEU B 78 -0.97 16.70 -25.01
C LEU B 78 -0.96 17.55 -23.75
N ILE B 79 -0.29 17.10 -22.69
CA ILE B 79 -0.30 17.91 -21.48
C ILE B 79 0.35 19.26 -21.75
N ALA B 80 1.27 19.32 -22.72
CA ALA B 80 1.82 20.60 -23.13
C ALA B 80 0.77 21.43 -23.87
N ARG B 81 -0.03 20.80 -24.74
CA ARG B 81 -1.02 21.48 -25.58
C ARG B 81 -2.36 21.58 -24.82
N LEU B 82 -2.25 21.56 -23.50
CA LEU B 82 -3.40 21.70 -22.63
C LEU B 82 -3.27 23.02 -21.89
N ASP B 83 -3.93 23.14 -20.73
CA ASP B 83 -3.74 24.29 -19.85
C ASP B 83 -2.29 24.51 -19.42
N PRO B 84 -1.51 23.49 -19.04
CA PRO B 84 -0.16 23.73 -18.51
C PRO B 84 0.73 24.48 -19.49
N GLU B 85 1.88 24.91 -18.96
CA GLU B 85 2.79 25.79 -19.69
C GLU B 85 3.86 24.94 -20.36
N GLN B 86 3.94 25.05 -21.68
CA GLN B 86 4.97 24.46 -22.52
C GLN B 86 6.21 25.35 -22.61
N ALA B 87 6.30 26.36 -21.75
CA ALA B 87 7.45 27.25 -21.77
C ALA B 87 8.69 26.55 -21.22
N ALA B 88 8.50 25.45 -20.50
CA ALA B 88 9.64 24.66 -20.06
C ALA B 88 10.30 23.99 -21.25
N HIS B 89 9.51 23.63 -22.28
CA HIS B 89 10.05 23.03 -23.48
C HIS B 89 10.69 24.08 -24.39
N ALA B 90 10.84 25.31 -23.88
CA ALA B 90 11.71 26.29 -24.47
C ALA B 90 12.89 26.64 -23.58
N LYS B 91 12.77 26.38 -22.28
CA LYS B 91 13.77 26.75 -21.29
C LYS B 91 14.67 25.61 -20.83
N GLU B 92 14.21 24.35 -20.91
CA GLU B 92 14.94 23.30 -20.19
C GLU B 92 16.23 22.95 -20.92
N ALA B 93 16.19 22.98 -22.25
CA ALA B 93 17.38 22.69 -23.03
C ALA B 93 18.45 23.73 -22.78
N VAL B 94 18.07 24.91 -22.33
CA VAL B 94 19.08 25.91 -21.98
C VAL B 94 19.50 25.77 -20.52
N GLU B 95 18.61 25.31 -19.63
CA GLU B 95 18.97 25.19 -18.23
C GLU B 95 19.72 23.90 -17.92
N LYS B 96 19.58 22.87 -18.76
CA LYS B 96 20.41 21.69 -18.61
C LYS B 96 21.86 21.94 -19.01
N TYR B 97 22.09 22.63 -20.13
CA TYR B 97 23.47 22.86 -20.56
C TYR B 97 24.20 23.69 -19.51
N ARG B 98 23.43 24.47 -18.75
CA ARG B 98 23.89 25.35 -17.67
C ARG B 98 24.29 24.58 -16.42
N LEU B 99 24.15 23.25 -16.43
CA LEU B 99 24.50 22.40 -15.30
C LEU B 99 25.87 21.79 -15.61
N ILE B 100 26.92 22.51 -15.22
CA ILE B 100 28.30 22.21 -15.56
C ILE B 100 28.49 22.22 -17.07
N LYS C 21 -20.52 5.78 16.34
CA LYS C 21 -19.65 6.87 15.94
C LYS C 21 -19.52 7.90 17.06
N MET C 22 -18.38 8.57 17.10
CA MET C 22 -18.02 9.59 18.08
C MET C 22 -17.77 9.02 19.47
N THR C 23 -18.11 7.74 19.69
CA THR C 23 -17.77 7.06 20.93
C THR C 23 -17.83 5.54 20.77
N ASP C 24 -18.65 5.05 19.85
CA ASP C 24 -18.81 3.60 19.65
C ASP C 24 -17.85 3.11 18.57
N THR C 25 -18.13 3.46 17.32
CA THR C 25 -17.28 2.96 16.26
C THR C 25 -16.12 3.91 15.96
N GLU C 26 -16.22 5.16 16.42
CA GLU C 26 -15.14 6.12 16.26
C GLU C 26 -14.15 6.13 17.43
N LEU C 27 -14.34 7.07 18.35
CA LEU C 27 -13.29 7.57 19.25
C LEU C 27 -12.39 6.50 19.86
N ALA C 28 -12.97 5.41 20.33
CA ALA C 28 -12.16 4.41 21.02
C ALA C 28 -11.30 3.65 20.01
N ARG C 29 -11.88 3.29 18.88
CA ARG C 29 -11.11 2.63 17.82
C ARG C 29 -10.00 3.55 17.32
N SER C 30 -10.32 4.84 17.16
CA SER C 30 -9.33 5.82 16.74
C SER C 30 -8.25 6.00 17.79
N ILE C 31 -8.63 5.96 19.07
CA ILE C 31 -7.62 6.19 20.11
C ILE C 31 -6.73 4.95 20.23
N ARG C 32 -7.30 3.75 20.01
CA ARG C 32 -6.49 2.54 19.91
C ARG C 32 -5.48 2.67 18.79
N LEU C 33 -5.92 3.21 17.66
CA LEU C 33 -5.00 3.45 16.55
C LEU C 33 -3.94 4.49 16.95
N ASN C 34 -4.30 5.44 17.80
CA ASN C 34 -3.31 6.42 18.26
C ASN C 34 -2.22 5.72 19.08
N ILE C 35 -2.63 4.78 19.92
CA ILE C 35 -1.66 3.96 20.66
C ILE C 35 -0.80 3.17 19.69
N GLU C 36 -1.42 2.62 18.66
CA GLU C 36 -0.70 1.90 17.61
C GLU C 36 0.35 2.80 16.96
N ALA C 37 0.00 4.05 16.68
CA ALA C 37 0.93 4.98 16.06
C ALA C 37 2.10 5.31 16.99
N GLU C 38 1.81 5.48 18.28
CA GLU C 38 2.88 5.73 19.25
C GLU C 38 3.85 4.55 19.30
N LEU C 39 3.30 3.33 19.27
CA LEU C 39 4.14 2.14 19.28
C LEU C 39 5.01 2.07 18.03
N ASP C 40 4.44 2.43 16.87
CA ASP C 40 5.23 2.41 15.64
C ASP C 40 6.34 3.47 15.66
N ALA C 41 6.04 4.66 16.18
CA ALA C 41 7.06 5.71 16.25
C ALA C 41 8.20 5.30 17.17
N ILE C 42 7.88 4.70 18.31
CA ILE C 42 8.93 4.24 19.22
C ILE C 42 9.73 3.11 18.57
N ASN C 43 9.07 2.24 17.82
CA ASN C 43 9.79 1.17 17.12
C ASN C 43 10.80 1.77 16.14
N LEU C 44 10.38 2.81 15.42
CA LEU C 44 11.28 3.45 14.46
C LEU C 44 12.45 4.11 15.17
N TYR C 45 12.18 4.74 16.30
CA TYR C 45 13.27 5.49 16.98
C TYR C 45 14.24 4.50 17.63
N ALA C 46 13.75 3.36 18.12
CA ALA C 46 14.64 2.35 18.69
C ALA C 46 15.48 1.68 17.61
N ALA C 47 14.90 1.46 16.43
CA ALA C 47 15.70 0.95 15.32
C ALA C 47 16.74 1.97 14.88
N HIS C 48 16.41 3.25 14.99
CA HIS C 48 17.33 4.32 14.60
C HIS C 48 18.41 4.61 15.63
N ILE C 49 18.27 4.16 16.88
CA ILE C 49 19.37 4.38 17.83
C ILE C 49 20.58 3.54 17.44
N ASP C 50 20.35 2.29 17.02
CA ASP C 50 21.42 1.35 16.70
C ASP C 50 21.67 1.19 15.21
N ALA C 51 21.34 2.20 14.40
CA ALA C 51 21.56 2.16 12.96
C ALA C 51 22.42 3.32 12.50
N THR C 52 23.13 3.94 13.43
CA THR C 52 24.08 5.01 13.18
C THR C 52 25.01 5.06 14.37
N ASP C 53 26.07 5.87 14.26
CA ASP C 53 27.01 6.04 15.37
C ASP C 53 27.27 7.51 15.68
N ASN C 54 26.27 8.36 15.52
CA ASN C 54 26.38 9.76 15.88
C ASN C 54 25.94 9.95 17.33
N GLU C 55 26.46 11.00 17.97
CA GLU C 55 26.17 11.26 19.37
C GLU C 55 25.08 12.30 19.54
N ASP C 56 25.05 13.31 18.67
CA ASP C 56 23.95 14.26 18.67
C ASP C 56 22.66 13.59 18.23
N ALA C 57 22.71 12.84 17.13
CA ALA C 57 21.56 12.07 16.68
C ALA C 57 21.13 11.07 17.74
N LYS C 58 22.08 10.38 18.37
CA LYS C 58 21.74 9.43 19.43
C LYS C 58 21.00 10.14 20.56
N ALA C 59 21.48 11.31 20.95
CA ALA C 59 20.88 12.02 22.08
C ALA C 59 19.46 12.43 21.75
N ILE C 60 19.26 13.06 20.59
CA ILE C 60 17.91 13.53 20.30
C ILE C 60 16.96 12.37 19.98
N LEU C 61 17.47 11.26 19.41
CA LEU C 61 16.60 10.10 19.23
C LEU C 61 16.15 9.52 20.56
N GLN C 62 17.06 9.44 21.54
CA GLN C 62 16.64 8.94 22.85
C GLN C 62 15.68 9.92 23.52
N HIS C 63 15.90 11.23 23.32
CA HIS C 63 15.01 12.24 23.89
C HIS C 63 13.59 12.15 23.33
N VAL C 64 13.48 12.14 22.00
CA VAL C 64 12.17 12.06 21.36
C VAL C 64 11.52 10.73 21.67
N MET C 65 12.30 9.65 21.76
CA MET C 65 11.74 8.35 22.12
C MET C 65 11.16 8.36 23.53
N ASP C 66 11.84 9.02 24.46
CA ASP C 66 11.33 9.18 25.82
C ASP C 66 10.01 9.93 25.85
N GLU C 67 9.93 11.02 25.08
CA GLU C 67 8.66 11.75 25.07
C GLU C 67 7.55 10.95 24.39
N GLU C 68 7.91 10.16 23.38
CA GLU C 68 6.90 9.29 22.73
C GLU C 68 6.40 8.27 23.75
N ARG C 69 7.31 7.72 24.55
CA ARG C 69 6.89 6.76 25.57
C ARG C 69 5.91 7.40 26.53
N GLU C 70 6.16 8.66 26.89
CA GLU C 70 5.20 9.38 27.72
C GLU C 70 3.84 9.48 27.03
N HIS C 71 3.84 9.81 25.74
CA HIS C 71 2.61 9.89 24.97
C HIS C 71 1.86 8.56 24.96
N ALA C 72 2.59 7.47 24.71
CA ALA C 72 1.93 6.17 24.62
C ALA C 72 1.32 5.76 25.95
N ALA C 73 2.05 5.99 27.05
CA ALA C 73 1.50 5.64 28.35
C ALA C 73 0.25 6.46 28.66
N LEU C 74 0.26 7.75 28.30
CA LEU C 74 -0.88 8.59 28.61
C LEU C 74 -2.10 8.18 27.76
N PHE C 75 -1.90 7.87 26.47
CA PHE C 75 -2.99 7.33 25.67
C PHE C 75 -3.52 6.03 26.27
N TRP C 76 -2.64 5.24 26.87
CA TRP C 76 -3.07 4.00 27.53
C TRP C 76 -3.96 4.31 28.71
N GLU C 77 -3.61 5.36 29.46
CA GLU C 77 -4.45 5.77 30.58
C GLU C 77 -5.81 6.24 30.09
N LEU C 78 -5.85 6.91 28.93
CA LEU C 78 -7.15 7.30 28.37
C LEU C 78 -8.00 6.10 28.00
N ILE C 79 -7.41 5.15 27.27
CA ILE C 79 -8.22 3.99 26.85
C ILE C 79 -8.65 3.16 28.05
N ALA C 80 -7.97 3.27 29.19
CA ALA C 80 -8.35 2.42 30.33
C ALA C 80 -9.72 2.82 30.89
N ARG C 81 -9.87 4.12 31.04
CA ARG C 81 -11.09 4.71 31.60
C ARG C 81 -11.83 5.35 30.45
N LEU C 82 -11.82 4.71 29.30
CA LEU C 82 -12.67 5.20 28.21
C LEU C 82 -13.55 4.00 27.97
N ASP C 83 -14.06 3.86 26.76
CA ASP C 83 -15.06 2.82 26.59
C ASP C 83 -14.56 1.43 27.00
N PRO C 84 -13.35 1.01 26.64
CA PRO C 84 -12.87 -0.31 27.08
C PRO C 84 -12.65 -0.35 28.57
N GLU C 85 -12.50 -1.57 29.07
CA GLU C 85 -12.43 -1.86 30.50
C GLU C 85 -10.98 -2.02 30.94
N GLN C 86 -10.59 -1.26 31.98
CA GLN C 86 -9.27 -1.40 32.56
C GLN C 86 -9.19 -2.56 33.55
N ALA C 87 -10.17 -3.47 33.49
CA ALA C 87 -10.17 -4.72 34.26
C ALA C 87 -9.41 -5.85 33.57
N ALA C 88 -9.15 -5.74 32.27
CA ALA C 88 -8.38 -6.75 31.57
C ALA C 88 -6.89 -6.60 31.82
N HIS C 89 -6.36 -5.39 31.98
CA HIS C 89 -4.93 -5.21 32.27
C HIS C 89 -4.58 -5.49 33.70
N ALA C 90 -5.57 -5.82 34.50
CA ALA C 90 -5.29 -5.99 35.90
C ALA C 90 -5.37 -7.42 36.31
N LYS C 91 -6.10 -8.23 35.55
CA LYS C 91 -6.16 -9.67 35.76
C LYS C 91 -5.31 -10.38 34.71
N GLU C 92 -4.20 -9.73 34.35
CA GLU C 92 -3.25 -10.26 33.39
C GLU C 92 -1.85 -10.40 33.95
N ALA C 93 -1.42 -9.57 34.91
CA ALA C 93 -0.10 -9.72 35.49
C ALA C 93 0.04 -11.05 36.21
N VAL C 94 -1.08 -11.65 36.62
CA VAL C 94 -1.07 -12.99 37.20
C VAL C 94 -1.14 -14.06 36.09
N GLU C 95 -1.71 -13.72 34.94
CA GLU C 95 -1.71 -14.67 33.83
C GLU C 95 -0.35 -14.71 33.17
N LYS C 96 0.44 -13.65 33.36
CA LYS C 96 1.86 -13.69 33.04
C LYS C 96 2.60 -14.62 34.00
N TYR C 97 2.28 -14.50 35.29
CA TYR C 97 2.83 -15.29 36.40
C TYR C 97 2.93 -16.77 36.04
N ARG C 98 2.17 -17.19 35.02
CA ARG C 98 2.12 -18.58 34.55
C ARG C 98 3.44 -19.01 33.89
N LEU C 99 4.41 -18.11 33.80
CA LEU C 99 5.75 -18.40 33.31
C LEU C 99 6.62 -18.50 34.55
N ILE C 100 6.71 -19.71 35.10
CA ILE C 100 7.36 -19.99 36.37
C ILE C 100 6.72 -19.16 37.48
N LYS D 21 15.46 -19.24 -12.48
CA LYS D 21 14.64 -20.16 -13.25
C LYS D 21 14.82 -19.95 -14.76
N MET D 22 14.74 -18.69 -15.18
CA MET D 22 14.89 -18.27 -16.58
C MET D 22 13.78 -18.80 -17.47
N THR D 23 12.93 -19.69 -16.92
CA THR D 23 11.74 -20.17 -17.63
C THR D 23 10.54 -20.38 -16.74
N ASP D 24 10.70 -20.61 -15.44
CA ASP D 24 9.56 -20.90 -14.58
C ASP D 24 9.05 -19.64 -13.92
N THR D 25 9.74 -19.15 -12.89
CA THR D 25 9.22 -17.99 -12.19
C THR D 25 9.83 -16.68 -12.69
N GLU D 26 10.93 -16.74 -13.46
CA GLU D 26 11.63 -15.49 -13.91
C GLU D 26 11.08 -15.08 -15.27
N LEU D 27 10.45 -16.00 -15.99
CA LEU D 27 9.78 -15.78 -17.27
C LEU D 27 8.27 -15.92 -17.24
N ALA D 28 7.72 -17.00 -16.68
CA ALA D 28 6.29 -17.21 -16.85
C ALA D 28 5.46 -16.30 -15.95
N ARG D 29 5.78 -16.27 -14.66
CA ARG D 29 5.07 -15.43 -13.72
C ARG D 29 5.19 -13.96 -14.09
N SER D 30 6.33 -13.56 -14.65
CA SER D 30 6.49 -12.18 -15.10
C SER D 30 5.50 -11.85 -16.21
N ILE D 31 5.20 -12.81 -17.08
CA ILE D 31 4.25 -12.58 -18.16
C ILE D 31 2.82 -12.54 -17.61
N ARG D 32 2.54 -13.35 -16.59
CA ARG D 32 1.25 -13.22 -15.91
C ARG D 32 1.10 -11.81 -15.36
N LEU D 33 2.16 -11.31 -14.73
CA LEU D 33 2.15 -9.96 -14.18
C LEU D 33 1.98 -8.91 -15.29
N ASN D 34 2.62 -9.12 -16.44
CA ASN D 34 2.54 -8.15 -17.53
C ASN D 34 1.13 -8.06 -18.11
N ILE D 35 0.46 -9.21 -18.26
CA ILE D 35 -0.93 -9.18 -18.68
C ILE D 35 -1.78 -8.43 -17.66
N GLU D 36 -1.55 -8.72 -16.38
CA GLU D 36 -2.29 -8.00 -15.33
C GLU D 36 -2.08 -6.49 -15.43
N ALA D 37 -0.84 -6.07 -15.68
CA ALA D 37 -0.53 -4.65 -15.77
C ALA D 37 -1.19 -4.01 -16.98
N GLU D 38 -1.21 -4.71 -18.12
CA GLU D 38 -1.89 -4.18 -19.30
C GLU D 38 -3.38 -4.03 -19.05
N LEU D 39 -3.98 -4.99 -18.35
CA LEU D 39 -5.39 -4.84 -17.98
C LEU D 39 -5.58 -3.64 -17.07
N ASP D 40 -4.61 -3.40 -16.18
CA ASP D 40 -4.67 -2.23 -15.31
C ASP D 40 -4.62 -0.93 -16.12
N ALA D 41 -3.78 -0.87 -17.15
CA ALA D 41 -3.70 0.34 -17.97
C ALA D 41 -5.01 0.59 -18.72
N ILE D 42 -5.59 -0.46 -19.29
CA ILE D 42 -6.86 -0.29 -19.98
C ILE D 42 -7.95 0.13 -19.01
N ASN D 43 -7.96 -0.46 -17.81
CA ASN D 43 -8.94 -0.09 -16.80
C ASN D 43 -8.80 1.35 -16.36
N LEU D 44 -7.56 1.83 -16.20
CA LEU D 44 -7.37 3.22 -15.80
C LEU D 44 -7.88 4.16 -16.89
N TYR D 45 -7.59 3.85 -18.15
CA TYR D 45 -8.09 4.72 -19.22
C TYR D 45 -9.61 4.64 -19.33
N ALA D 46 -10.19 3.47 -19.03
CA ALA D 46 -11.64 3.33 -19.00
C ALA D 46 -12.25 4.13 -17.85
N ALA D 47 -11.54 4.22 -16.73
CA ALA D 47 -11.99 5.09 -15.64
C ALA D 47 -11.89 6.55 -16.05
N HIS D 48 -10.90 6.89 -16.89
CA HIS D 48 -10.73 8.27 -17.34
C HIS D 48 -11.71 8.67 -18.45
N ILE D 49 -12.28 7.70 -19.17
CA ILE D 49 -13.33 8.07 -20.13
C ILE D 49 -14.57 8.54 -19.38
N ASP D 50 -14.79 8.03 -18.17
CA ASP D 50 -15.94 8.41 -17.36
C ASP D 50 -15.63 9.56 -16.40
N ALA D 51 -14.57 10.33 -16.66
CA ALA D 51 -14.22 11.45 -15.81
C ALA D 51 -13.94 12.74 -16.58
N THR D 52 -14.30 12.80 -17.87
CA THR D 52 -14.16 14.03 -18.62
C THR D 52 -15.04 13.94 -19.87
N ASP D 53 -15.21 15.09 -20.54
CA ASP D 53 -15.93 15.19 -21.80
C ASP D 53 -15.17 16.02 -22.84
N ASN D 54 -13.84 15.95 -22.86
CA ASN D 54 -13.04 16.62 -23.87
C ASN D 54 -12.81 15.68 -25.04
N GLU D 55 -12.56 16.27 -26.22
CA GLU D 55 -12.43 15.49 -27.44
C GLU D 55 -10.98 15.18 -27.78
N ASP D 56 -10.06 16.07 -27.43
CA ASP D 56 -8.65 15.74 -27.57
C ASP D 56 -8.29 14.57 -26.66
N ALA D 57 -8.73 14.67 -25.40
CA ALA D 57 -8.55 13.58 -24.45
C ALA D 57 -9.21 12.29 -24.93
N LYS D 58 -10.44 12.37 -25.44
CA LYS D 58 -11.09 11.14 -25.89
C LYS D 58 -10.28 10.50 -27.02
N ALA D 59 -9.79 11.32 -27.97
CA ALA D 59 -9.08 10.76 -29.11
C ALA D 59 -7.80 10.08 -28.66
N ILE D 60 -6.97 10.77 -27.85
CA ILE D 60 -5.68 10.17 -27.52
C ILE D 60 -5.87 9.01 -26.55
N LEU D 61 -6.87 9.08 -25.67
CA LEU D 61 -7.12 7.99 -24.74
C LEU D 61 -7.64 6.76 -25.46
N GLN D 62 -8.49 6.94 -26.47
CA GLN D 62 -8.93 5.79 -27.24
C GLN D 62 -7.78 5.17 -28.01
N HIS D 63 -6.87 6.00 -28.52
CA HIS D 63 -5.71 5.47 -29.23
C HIS D 63 -4.83 4.65 -28.30
N VAL D 64 -4.44 5.23 -27.16
CA VAL D 64 -3.55 4.50 -26.24
C VAL D 64 -4.24 3.27 -25.67
N MET D 65 -5.54 3.34 -25.39
CA MET D 65 -6.26 2.17 -24.88
C MET D 65 -6.31 1.06 -25.92
N ASP D 66 -6.54 1.41 -27.19
CA ASP D 66 -6.54 0.41 -28.24
C ASP D 66 -5.18 -0.25 -28.36
N GLU D 67 -4.10 0.54 -28.26
CA GLU D 67 -2.76 -0.02 -28.32
C GLU D 67 -2.45 -0.90 -27.11
N GLU D 68 -2.96 -0.50 -25.94
CA GLU D 68 -2.77 -1.34 -24.73
C GLU D 68 -3.47 -2.67 -24.93
N ARG D 69 -4.68 -2.65 -25.52
CA ARG D 69 -5.39 -3.90 -25.78
C ARG D 69 -4.57 -4.78 -26.72
N GLU D 70 -3.93 -4.16 -27.72
CA GLU D 70 -3.02 -4.92 -28.57
C GLU D 70 -1.89 -5.55 -27.76
N HIS D 71 -1.32 -4.78 -26.82
CA HIS D 71 -0.27 -5.30 -25.94
C HIS D 71 -0.76 -6.50 -25.15
N ALA D 72 -1.96 -6.39 -24.58
CA ALA D 72 -2.50 -7.48 -23.76
C ALA D 72 -2.72 -8.72 -24.59
N ALA D 73 -3.22 -8.56 -25.82
CA ALA D 73 -3.38 -9.72 -26.70
C ALA D 73 -2.04 -10.37 -27.02
N LEU D 74 -1.01 -9.55 -27.24
CA LEU D 74 0.31 -10.10 -27.57
C LEU D 74 0.86 -10.91 -26.41
N PHE D 75 0.81 -10.35 -25.20
CA PHE D 75 1.26 -11.08 -24.02
C PHE D 75 0.41 -12.34 -23.77
N TRP D 76 -0.89 -12.27 -24.07
CA TRP D 76 -1.75 -13.43 -23.87
C TRP D 76 -1.37 -14.58 -24.79
N GLU D 77 -1.08 -14.29 -26.06
CA GLU D 77 -0.61 -15.39 -26.89
C GLU D 77 0.80 -15.83 -26.52
N LEU D 78 1.66 -14.92 -26.04
CA LEU D 78 2.99 -15.36 -25.61
C LEU D 78 2.87 -16.38 -24.48
N ILE D 79 2.06 -16.09 -23.47
CA ILE D 79 1.83 -17.06 -22.40
C ILE D 79 1.09 -18.27 -22.93
N ALA D 80 0.23 -18.09 -23.94
CA ALA D 80 -0.50 -19.19 -24.56
C ALA D 80 0.40 -20.04 -25.44
N ARG D 81 1.23 -19.41 -26.28
CA ARG D 81 2.10 -20.14 -27.20
C ARG D 81 3.41 -20.52 -26.52
N LEU D 82 3.30 -20.89 -25.24
CA LEU D 82 4.36 -21.31 -24.37
C LEU D 82 4.15 -22.80 -24.07
N ASP D 83 4.71 -23.27 -22.97
CA ASP D 83 4.53 -24.65 -22.54
C ASP D 83 3.23 -24.86 -21.75
N PRO D 84 2.79 -23.89 -20.90
CA PRO D 84 1.46 -24.06 -20.28
C PRO D 84 0.41 -24.33 -21.33
N GLU D 85 -0.74 -24.85 -20.92
CA GLU D 85 -1.70 -25.40 -21.86
C GLU D 85 -2.77 -24.36 -22.18
N GLN D 86 -2.85 -23.99 -23.45
CA GLN D 86 -3.93 -23.15 -23.94
C GLN D 86 -5.16 -23.98 -24.25
N ALA D 87 -5.19 -25.19 -23.68
CA ALA D 87 -6.33 -26.09 -23.81
C ALA D 87 -7.52 -25.65 -22.98
N ALA D 88 -7.30 -24.80 -21.98
CA ALA D 88 -8.44 -24.19 -21.31
C ALA D 88 -8.99 -23.07 -22.19
N HIS D 89 -8.10 -22.40 -22.90
CA HIS D 89 -8.45 -21.38 -23.88
C HIS D 89 -8.76 -21.94 -25.24
N ALA D 90 -8.92 -23.26 -25.35
CA ALA D 90 -9.48 -23.87 -26.55
C ALA D 90 -10.85 -24.44 -26.28
N LYS D 91 -11.14 -24.80 -25.04
CA LYS D 91 -12.47 -25.22 -24.67
C LYS D 91 -13.24 -24.18 -23.84
N GLU D 92 -12.73 -22.96 -23.75
CA GLU D 92 -13.44 -21.90 -22.99
C GLU D 92 -14.75 -21.55 -23.69
N ALA D 93 -14.70 -21.37 -25.00
CA ALA D 93 -15.92 -20.97 -25.68
C ALA D 93 -17.00 -22.04 -25.52
N VAL D 94 -16.61 -23.28 -25.23
CA VAL D 94 -17.57 -24.34 -25.00
C VAL D 94 -18.00 -24.41 -23.53
N GLU D 95 -17.11 -24.09 -22.58
CA GLU D 95 -17.50 -24.16 -21.18
C GLU D 95 -18.29 -22.95 -20.70
N LYS D 96 -18.13 -21.79 -21.35
CA LYS D 96 -19.04 -20.68 -21.06
C LYS D 96 -20.43 -20.98 -21.57
N TYR D 97 -20.53 -21.57 -22.77
CA TYR D 97 -21.83 -21.90 -23.33
C TYR D 97 -22.56 -22.90 -22.45
N ARG D 98 -21.80 -23.66 -21.65
CA ARG D 98 -22.32 -24.56 -20.61
C ARG D 98 -22.80 -23.80 -19.39
N LEU D 99 -22.65 -22.48 -19.36
CA LEU D 99 -23.10 -21.64 -18.25
C LEU D 99 -24.35 -20.92 -18.73
N ILE D 100 -25.50 -21.60 -18.55
CA ILE D 100 -26.79 -21.16 -19.06
C ILE D 100 -26.74 -21.02 -20.57
N THR E 23 17.67 -8.69 20.99
CA THR E 23 16.98 -8.22 22.19
C THR E 23 16.12 -7.01 21.85
N ASP E 24 16.50 -6.31 20.77
CA ASP E 24 15.86 -5.06 20.39
C ASP E 24 14.77 -5.34 19.36
N THR E 25 14.73 -4.57 18.27
CA THR E 25 13.67 -4.61 17.26
C THR E 25 13.26 -6.00 16.78
N GLU E 26 14.03 -7.04 17.11
CA GLU E 26 13.59 -8.36 16.71
C GLU E 26 12.64 -8.97 17.73
N LEU E 27 12.87 -8.76 19.02
CA LEU E 27 11.95 -9.28 20.02
C LEU E 27 11.04 -8.23 20.65
N ALA E 28 11.59 -7.10 21.10
CA ALA E 28 10.77 -6.14 21.84
C ALA E 28 9.88 -5.31 20.92
N ARG E 29 10.47 -4.74 19.88
CA ARG E 29 9.70 -3.98 18.90
C ARG E 29 8.71 -4.90 18.20
N SER E 30 9.08 -6.16 17.99
CA SER E 30 8.15 -7.13 17.43
C SER E 30 6.96 -7.35 18.37
N ILE E 31 7.20 -7.27 19.69
CA ILE E 31 6.09 -7.42 20.61
C ILE E 31 5.22 -6.16 20.60
N ARG E 32 5.83 -4.99 20.40
CA ARG E 32 5.05 -3.78 20.15
C ARG E 32 4.20 -3.96 18.89
N LEU E 33 4.76 -4.60 17.87
CA LEU E 33 3.99 -4.93 16.66
C LEU E 33 2.83 -5.82 17.00
N ASN E 34 3.04 -6.76 17.93
CA ASN E 34 1.97 -7.64 18.35
C ASN E 34 0.86 -6.87 19.07
N ILE E 35 1.23 -5.86 19.86
CA ILE E 35 0.23 -4.97 20.46
C ILE E 35 -0.55 -4.25 19.36
N GLU E 36 0.16 -3.77 18.34
CA GLU E 36 -0.49 -3.13 17.21
C GLU E 36 -1.52 -4.07 16.57
N ALA E 37 -1.13 -5.33 16.39
CA ALA E 37 -2.00 -6.30 15.73
C ALA E 37 -3.23 -6.58 16.58
N GLU E 38 -3.01 -6.71 17.89
CA GLU E 38 -4.15 -6.95 18.82
C GLU E 38 -5.13 -5.77 18.72
N LEU E 39 -4.62 -4.54 18.83
CA LEU E 39 -5.50 -3.37 18.80
C LEU E 39 -6.23 -3.25 17.47
N ASP E 40 -5.56 -3.54 16.36
CA ASP E 40 -6.25 -3.50 15.06
C ASP E 40 -7.33 -4.58 14.98
N ALA E 41 -7.05 -5.77 15.52
CA ALA E 41 -8.06 -6.83 15.51
C ALA E 41 -9.28 -6.41 16.31
N ILE E 42 -9.06 -5.78 17.47
CA ILE E 42 -10.18 -5.29 18.28
C ILE E 42 -10.94 -4.22 17.53
N ASN E 43 -10.22 -3.33 16.84
CA ASN E 43 -10.88 -2.26 16.08
C ASN E 43 -11.73 -2.83 14.96
N LEU E 44 -11.23 -3.84 14.26
CA LEU E 44 -12.00 -4.45 13.17
C LEU E 44 -13.24 -5.15 13.69
N TYR E 45 -13.10 -5.91 14.78
CA TYR E 45 -14.27 -6.61 15.32
C TYR E 45 -15.30 -5.64 15.88
N ALA E 46 -14.85 -4.53 16.45
CA ALA E 46 -15.77 -3.52 16.96
C ALA E 46 -16.48 -2.81 15.81
N ALA E 47 -15.77 -2.60 14.70
CA ALA E 47 -16.41 -2.05 13.52
C ALA E 47 -17.43 -3.02 12.96
N HIS E 48 -17.19 -4.33 13.11
CA HIS E 48 -18.14 -5.31 12.62
C HIS E 48 -19.34 -5.51 13.56
N ILE E 49 -19.19 -5.19 14.86
CA ILE E 49 -20.32 -5.23 15.78
C ILE E 49 -21.31 -4.10 15.51
N ASP E 50 -20.81 -2.95 15.06
CA ASP E 50 -21.66 -1.78 14.87
C ASP E 50 -22.22 -1.67 13.47
N ALA E 51 -22.35 -2.79 12.74
CA ALA E 51 -22.90 -2.78 11.38
C ALA E 51 -24.06 -3.75 11.24
N THR E 52 -24.64 -4.21 12.34
CA THR E 52 -25.79 -5.11 12.30
C THR E 52 -26.47 -5.14 13.66
N ASP E 53 -27.61 -5.82 13.71
CA ASP E 53 -28.35 -6.09 14.94
C ASP E 53 -28.65 -7.58 15.06
N ASN E 54 -27.78 -8.44 14.52
CA ASN E 54 -27.93 -9.88 14.65
C ASN E 54 -27.28 -10.21 15.97
N GLU E 55 -27.90 -10.91 16.89
CA GLU E 55 -27.26 -10.94 18.23
C GLU E 55 -26.28 -12.10 18.38
N ASP E 56 -26.37 -13.10 17.52
CA ASP E 56 -25.49 -14.26 17.63
C ASP E 56 -24.07 -13.86 17.25
N ALA E 57 -23.94 -13.21 16.08
CA ALA E 57 -22.68 -12.66 15.64
C ALA E 57 -22.16 -11.62 16.62
N LYS E 58 -23.04 -10.72 17.09
CA LYS E 58 -22.62 -9.72 18.06
C LYS E 58 -22.02 -10.37 19.29
N ALA E 59 -22.66 -11.44 19.78
CA ALA E 59 -22.19 -12.08 21.00
C ALA E 59 -20.82 -12.74 20.79
N ILE E 60 -20.66 -13.51 19.71
CA ILE E 60 -19.36 -14.19 19.59
C ILE E 60 -18.28 -13.17 19.26
N LEU E 61 -18.62 -12.10 18.53
CA LEU E 61 -17.65 -11.06 18.22
C LEU E 61 -17.23 -10.31 19.47
N GLN E 62 -18.16 -10.02 20.37
CA GLN E 62 -17.79 -9.36 21.62
C GLN E 62 -16.96 -10.29 22.50
N HIS E 63 -17.25 -11.60 22.48
CA HIS E 63 -16.44 -12.55 23.24
C HIS E 63 -15.02 -12.58 22.72
N VAL E 64 -14.86 -12.70 21.39
CA VAL E 64 -13.53 -12.72 20.79
C VAL E 64 -12.82 -11.41 21.05
N MET E 65 -13.56 -10.29 21.03
CA MET E 65 -12.95 -9.00 21.32
C MET E 65 -12.46 -8.90 22.76
N ASP E 66 -13.21 -9.43 23.72
CA ASP E 66 -12.75 -9.41 25.11
C ASP E 66 -11.46 -10.23 25.24
N GLU E 67 -11.41 -11.36 24.54
CA GLU E 67 -10.19 -12.17 24.58
C GLU E 67 -9.02 -11.44 23.91
N GLU E 68 -9.30 -10.70 22.84
CA GLU E 68 -8.23 -9.91 22.19
C GLU E 68 -7.77 -8.81 23.15
N ARG E 69 -8.71 -8.22 23.89
CA ARG E 69 -8.37 -7.16 24.83
C ARG E 69 -7.44 -7.67 25.92
N GLU E 70 -7.73 -8.86 26.47
CA GLU E 70 -6.79 -9.44 27.43
C GLU E 70 -5.44 -9.75 26.78
N HIS E 71 -5.47 -10.22 25.52
CA HIS E 71 -4.21 -10.47 24.79
C HIS E 71 -3.38 -9.19 24.74
N ALA E 72 -4.01 -8.08 24.33
CA ALA E 72 -3.29 -6.82 24.16
C ALA E 72 -2.75 -6.33 25.49
N ALA E 73 -3.53 -6.47 26.56
CA ALA E 73 -3.03 -6.09 27.89
C ALA E 73 -1.82 -6.93 28.29
N LEU E 74 -1.85 -8.22 27.95
CA LEU E 74 -0.73 -9.11 28.25
C LEU E 74 0.53 -8.68 27.53
N PHE E 75 0.40 -8.40 26.23
CA PHE E 75 1.55 -7.91 25.46
C PHE E 75 2.08 -6.61 26.02
N TRP E 76 1.18 -5.75 26.50
CA TRP E 76 1.61 -4.47 27.04
C TRP E 76 2.43 -4.64 28.30
N GLU E 77 1.97 -5.50 29.22
CA GLU E 77 2.74 -5.71 30.43
C GLU E 77 4.06 -6.42 30.13
N LEU E 78 4.09 -7.33 29.15
CA LEU E 78 5.37 -7.94 28.78
C LEU E 78 6.35 -6.92 28.23
N ILE E 79 5.92 -6.09 27.26
CA ILE E 79 6.85 -5.14 26.67
C ILE E 79 7.30 -4.15 27.73
N ALA E 80 6.50 -3.96 28.78
CA ALA E 80 6.97 -3.16 29.91
C ALA E 80 8.16 -3.83 30.58
N ARG E 81 8.13 -5.17 30.66
CA ARG E 81 9.20 -5.93 31.33
C ARG E 81 10.35 -6.29 30.40
N LEU E 82 10.09 -6.50 29.10
CA LEU E 82 11.15 -6.95 28.20
C LEU E 82 12.32 -5.98 28.14
N ASP E 83 12.12 -4.78 27.64
CA ASP E 83 13.28 -3.88 27.44
C ASP E 83 13.00 -2.41 27.78
N PRO E 84 12.03 -1.71 27.17
CA PRO E 84 11.88 -0.26 27.36
C PRO E 84 11.38 0.05 28.77
N GLU E 85 11.43 1.33 29.12
CA GLU E 85 11.16 1.74 30.49
C GLU E 85 9.69 2.10 30.63
N GLN E 86 9.00 1.38 31.50
CA GLN E 86 7.62 1.64 31.88
C GLN E 86 7.52 2.64 33.02
N ALA E 87 8.56 3.46 33.23
CA ALA E 87 8.47 4.49 34.26
C ALA E 87 7.51 5.59 33.85
N ALA E 88 7.16 5.66 32.57
CA ALA E 88 6.06 6.50 32.15
C ALA E 88 4.74 5.82 32.48
N HIS E 89 4.73 4.49 32.44
CA HIS E 89 3.58 3.68 32.81
C HIS E 89 3.48 3.45 34.31
N ALA E 90 4.25 4.19 35.09
CA ALA E 90 4.03 4.33 36.52
C ALA E 90 3.62 5.75 36.90
N LYS E 91 3.99 6.74 36.07
CA LYS E 91 3.63 8.13 36.24
C LYS E 91 2.53 8.57 35.27
N GLU E 92 1.83 7.61 34.66
CA GLU E 92 0.84 7.96 33.65
C GLU E 92 -0.46 8.45 34.29
N ALA E 93 -0.87 7.87 35.42
CA ALA E 93 -2.02 8.43 36.13
C ALA E 93 -1.68 9.79 36.70
N VAL E 94 -0.39 10.04 36.92
CA VAL E 94 0.07 11.30 37.48
C VAL E 94 0.09 12.37 36.41
N GLU E 95 0.39 12.01 35.16
CA GLU E 95 0.29 12.98 34.08
C GLU E 95 -1.12 13.10 33.52
N LYS E 96 -1.96 12.08 33.74
CA LYS E 96 -3.37 12.15 33.40
C LYS E 96 -4.11 13.14 34.28
N TYR E 97 -3.82 13.12 35.59
CA TYR E 97 -4.52 14.00 36.52
C TYR E 97 -4.24 15.49 36.32
N ARG E 98 -3.12 15.87 35.68
CA ARG E 98 -2.73 17.28 35.64
C ARG E 98 -3.55 18.17 34.72
N LEU E 99 -4.44 17.63 33.89
CA LEU E 99 -5.39 18.43 33.12
C LEU E 99 -6.82 18.30 33.59
N ILE E 100 -7.08 17.45 34.59
CA ILE E 100 -8.43 17.14 35.02
C ILE E 100 -9.24 16.59 33.85
N LYS F 21 -31.28 -5.87 1.96
CA LYS F 21 -31.60 -7.13 2.62
C LYS F 21 -30.32 -7.83 3.04
N MET F 22 -29.35 -7.03 3.47
CA MET F 22 -27.94 -7.42 3.46
C MET F 22 -27.57 -8.20 4.73
N THR F 23 -27.62 -9.53 4.62
CA THR F 23 -26.81 -10.41 5.44
C THR F 23 -25.75 -11.13 4.61
N ASP F 24 -25.52 -10.68 3.37
CA ASP F 24 -24.59 -11.29 2.44
C ASP F 24 -23.24 -10.58 2.47
N THR F 25 -23.18 -9.40 1.83
CA THR F 25 -21.97 -8.62 1.68
C THR F 25 -21.81 -7.56 2.82
N GLU F 26 -22.62 -7.84 3.86
CA GLU F 26 -22.64 -7.02 5.08
C GLU F 26 -22.50 -7.98 6.27
N LEU F 27 -22.90 -9.26 6.14
CA LEU F 27 -22.63 -10.18 7.25
C LEU F 27 -21.60 -11.27 6.94
N ALA F 28 -21.72 -11.95 5.80
CA ALA F 28 -20.86 -13.10 5.49
C ALA F 28 -19.47 -12.69 5.01
N ARG F 29 -19.39 -11.76 4.06
CA ARG F 29 -18.10 -11.30 3.55
C ARG F 29 -17.27 -10.73 4.69
N SER F 30 -17.93 -10.08 5.64
CA SER F 30 -17.23 -9.55 6.80
C SER F 30 -16.59 -10.68 7.60
N ILE F 31 -17.26 -11.83 7.67
CA ILE F 31 -16.72 -12.97 8.40
C ILE F 31 -15.58 -13.64 7.62
N ARG F 32 -15.64 -13.65 6.28
CA ARG F 32 -14.47 -14.07 5.51
C ARG F 32 -13.28 -13.19 5.86
N LEU F 33 -13.52 -11.88 5.97
CA LEU F 33 -12.45 -10.96 6.37
C LEU F 33 -11.96 -11.25 7.79
N ASN F 34 -12.87 -11.58 8.71
CA ASN F 34 -12.45 -11.86 10.08
C ASN F 34 -11.60 -13.12 10.15
N ILE F 35 -11.97 -14.16 9.38
CA ILE F 35 -11.14 -15.35 9.29
C ILE F 35 -9.78 -15.00 8.72
N GLU F 36 -9.75 -14.16 7.68
CA GLU F 36 -8.49 -13.71 7.12
C GLU F 36 -7.61 -13.05 8.18
N ALA F 37 -8.21 -12.18 8.98
CA ALA F 37 -7.44 -11.46 10.01
C ALA F 37 -6.93 -12.41 11.08
N GLU F 38 -7.77 -13.35 11.50
CA GLU F 38 -7.35 -14.34 12.52
C GLU F 38 -6.16 -15.14 11.98
N LEU F 39 -6.28 -15.66 10.75
CA LEU F 39 -5.22 -16.46 10.16
C LEU F 39 -3.93 -15.65 10.03
N ASP F 40 -4.06 -14.39 9.65
CA ASP F 40 -2.87 -13.54 9.52
C ASP F 40 -2.24 -13.32 10.89
N ALA F 41 -3.05 -13.19 11.93
CA ALA F 41 -2.51 -13.05 13.29
C ALA F 41 -1.77 -14.31 13.72
N ILE F 42 -2.33 -15.48 13.40
CA ILE F 42 -1.67 -16.74 13.75
C ILE F 42 -0.34 -16.85 13.03
N ASN F 43 -0.31 -16.49 11.75
CA ASN F 43 0.93 -16.51 10.98
C ASN F 43 1.95 -15.52 11.56
N LEU F 44 1.50 -14.34 11.96
CA LEU F 44 2.41 -13.34 12.51
C LEU F 44 3.02 -13.83 13.81
N TYR F 45 2.20 -14.41 14.67
CA TYR F 45 2.71 -14.86 16.00
C TYR F 45 3.60 -16.09 15.80
N ALA F 46 3.28 -16.94 14.82
CA ALA F 46 4.16 -18.07 14.52
C ALA F 46 5.50 -17.60 13.96
N ALA F 47 5.49 -16.51 13.21
CA ALA F 47 6.76 -15.92 12.79
C ALA F 47 7.51 -15.35 13.99
N HIS F 48 6.77 -14.87 15.00
CA HIS F 48 7.41 -14.31 16.19
C HIS F 48 7.95 -15.38 17.14
N ILE F 49 7.42 -16.61 17.08
CA ILE F 49 8.01 -17.70 17.86
C ILE F 49 9.33 -18.12 17.23
N ASP F 50 9.43 -18.03 15.90
CA ASP F 50 10.62 -18.46 15.17
C ASP F 50 11.61 -17.31 14.92
N ALA F 51 11.54 -16.23 15.69
CA ALA F 51 12.44 -15.11 15.47
C ALA F 51 13.16 -14.65 16.75
N THR F 52 13.19 -15.49 17.79
CA THR F 52 13.87 -15.13 19.03
C THR F 52 14.14 -16.40 19.83
N ASP F 53 14.91 -16.22 20.91
CA ASP F 53 15.20 -17.27 21.90
C ASP F 53 14.95 -16.69 23.29
N ASN F 54 13.67 -16.65 23.65
CA ASN F 54 13.20 -16.18 24.94
C ASN F 54 12.09 -17.11 25.40
N GLU F 55 11.90 -17.23 26.70
CA GLU F 55 10.92 -18.22 27.17
C GLU F 55 9.60 -17.51 27.41
N ASP F 56 9.67 -16.35 28.06
CA ASP F 56 8.50 -15.54 28.36
C ASP F 56 7.78 -15.15 27.07
N ALA F 57 8.55 -14.69 26.08
CA ALA F 57 7.96 -14.45 24.76
C ALA F 57 7.33 -15.73 24.24
N LYS F 58 8.01 -16.87 24.41
CA LYS F 58 7.46 -18.15 23.97
C LYS F 58 6.14 -18.44 24.66
N ALA F 59 6.07 -18.21 25.97
CA ALA F 59 4.88 -18.55 26.72
C ALA F 59 3.70 -17.70 26.26
N ILE F 60 3.91 -16.39 26.16
CA ILE F 60 2.78 -15.55 25.79
C ILE F 60 2.42 -15.76 24.32
N LEU F 61 3.42 -16.02 23.46
CA LEU F 61 3.12 -16.28 22.05
C LEU F 61 2.34 -17.56 21.86
N GLN F 62 2.70 -18.62 22.59
CA GLN F 62 1.92 -19.86 22.45
C GLN F 62 0.52 -19.70 23.00
N HIS F 63 0.38 -18.98 24.12
CA HIS F 63 -0.96 -18.78 24.69
C HIS F 63 -1.84 -17.96 23.76
N VAL F 64 -1.37 -16.78 23.34
CA VAL F 64 -2.19 -15.92 22.49
C VAL F 64 -2.44 -16.56 21.14
N MET F 65 -1.45 -17.27 20.58
CA MET F 65 -1.65 -17.92 19.29
C MET F 65 -2.71 -19.01 19.37
N ASP F 66 -2.68 -19.82 20.44
CA ASP F 66 -3.69 -20.84 20.58
C ASP F 66 -5.07 -20.21 20.73
N GLU F 67 -5.16 -19.10 21.47
CA GLU F 67 -6.45 -18.45 21.59
C GLU F 67 -6.91 -17.84 20.27
N GLU F 68 -5.95 -17.36 19.47
CA GLU F 68 -6.31 -16.82 18.14
C GLU F 68 -6.86 -17.98 17.29
N ARG F 69 -6.21 -19.14 17.38
CA ARG F 69 -6.70 -20.31 16.64
C ARG F 69 -8.13 -20.63 17.05
N GLU F 70 -8.41 -20.54 18.34
CA GLU F 70 -9.78 -20.73 18.81
C GLU F 70 -10.72 -19.68 18.22
N HIS F 71 -10.28 -18.43 18.16
CA HIS F 71 -11.06 -17.37 17.55
C HIS F 71 -11.36 -17.66 16.07
N ALA F 72 -10.34 -18.11 15.33
CA ALA F 72 -10.54 -18.41 13.92
C ALA F 72 -11.53 -19.55 13.75
N ALA F 73 -11.44 -20.57 14.60
CA ALA F 73 -12.40 -21.65 14.56
C ALA F 73 -13.81 -21.14 14.86
N LEU F 74 -13.93 -20.23 15.81
CA LEU F 74 -15.24 -19.68 16.16
C LEU F 74 -15.84 -18.93 14.98
N PHE F 75 -15.04 -18.09 14.33
CA PHE F 75 -15.51 -17.37 13.14
C PHE F 75 -15.87 -18.33 12.01
N TRP F 76 -15.12 -19.42 11.87
CA TRP F 76 -15.44 -20.39 10.82
C TRP F 76 -16.76 -21.08 11.10
N GLU F 77 -16.99 -21.46 12.36
CA GLU F 77 -18.27 -22.08 12.67
C GLU F 77 -19.42 -21.09 12.50
N LEU F 78 -19.17 -19.80 12.76
CA LEU F 78 -20.19 -18.79 12.51
C LEU F 78 -20.52 -18.71 11.01
N ILE F 79 -19.49 -18.63 10.16
CA ILE F 79 -19.71 -18.52 8.72
C ILE F 79 -20.37 -19.78 8.16
N ALA F 80 -20.21 -20.93 8.83
CA ALA F 80 -20.85 -22.13 8.31
C ALA F 80 -22.37 -22.02 8.31
N ARG F 81 -22.95 -21.49 9.39
CA ARG F 81 -24.40 -21.37 9.50
C ARG F 81 -24.96 -20.08 8.92
N LEU F 82 -24.15 -19.02 8.82
CA LEU F 82 -24.60 -17.73 8.32
C LEU F 82 -25.15 -17.83 6.89
N ASP F 83 -24.26 -17.85 5.90
CA ASP F 83 -24.71 -17.88 4.52
C ASP F 83 -24.25 -19.12 3.76
N PRO F 84 -22.97 -19.25 3.42
CA PRO F 84 -22.60 -20.14 2.32
C PRO F 84 -22.92 -21.59 2.66
N GLU F 85 -22.97 -22.40 1.61
CA GLU F 85 -23.41 -23.78 1.74
C GLU F 85 -22.16 -24.65 1.85
N GLN F 86 -22.05 -25.37 2.96
CA GLN F 86 -20.93 -26.25 3.20
C GLN F 86 -21.11 -27.64 2.60
N ALA F 87 -21.45 -27.68 1.32
CA ALA F 87 -21.43 -28.96 0.62
C ALA F 87 -20.02 -29.40 0.29
N ALA F 88 -19.05 -28.48 0.31
CA ALA F 88 -17.65 -28.85 0.06
C ALA F 88 -16.90 -29.34 1.29
N HIS F 89 -17.10 -28.74 2.46
CA HIS F 89 -16.34 -29.16 3.64
C HIS F 89 -16.98 -30.34 4.36
N ALA F 90 -17.94 -31.00 3.73
CA ALA F 90 -18.40 -32.32 4.12
C ALA F 90 -18.03 -33.38 3.10
N LYS F 91 -17.78 -32.97 1.86
CA LYS F 91 -17.33 -33.83 0.78
C LYS F 91 -15.84 -33.69 0.52
N GLU F 92 -15.11 -33.05 1.45
CA GLU F 92 -13.68 -32.74 1.26
C GLU F 92 -12.76 -33.90 1.62
N ALA F 93 -13.11 -34.74 2.59
CA ALA F 93 -12.23 -35.82 3.03
C ALA F 93 -11.95 -36.82 1.93
N VAL F 94 -12.78 -36.89 0.90
CA VAL F 94 -12.54 -37.83 -0.20
C VAL F 94 -11.54 -37.24 -1.20
N GLU F 95 -11.48 -35.91 -1.31
CA GLU F 95 -10.54 -35.30 -2.25
C GLU F 95 -9.11 -35.27 -1.73
N LYS F 96 -8.90 -35.30 -0.42
CA LYS F 96 -7.56 -35.52 0.10
C LYS F 96 -7.13 -36.97 -0.11
N TYR F 97 -8.02 -37.90 0.21
CA TYR F 97 -7.80 -39.34 0.09
C TYR F 97 -7.66 -39.80 -1.35
N ARG F 98 -7.99 -38.96 -2.33
CA ARG F 98 -8.02 -39.39 -3.72
C ARG F 98 -6.65 -39.80 -4.25
N LEU F 99 -5.57 -39.59 -3.49
CA LEU F 99 -4.26 -40.10 -3.85
C LEU F 99 -3.38 -40.16 -2.60
N ILE F 100 -2.45 -41.11 -2.61
CA ILE F 100 -1.61 -41.42 -1.46
C ILE F 100 -2.47 -41.75 -0.25
N LYS G 21 11.80 -21.34 9.25
CA LYS G 21 11.46 -22.75 9.19
C LYS G 21 10.86 -23.12 7.83
N MET G 22 10.68 -24.42 7.60
CA MET G 22 10.14 -24.93 6.34
C MET G 22 8.76 -25.50 6.53
N THR G 23 8.63 -26.68 7.15
CA THR G 23 7.32 -27.25 7.39
C THR G 23 6.45 -26.36 8.28
N ASP G 24 7.06 -25.49 9.08
CA ASP G 24 6.34 -24.62 10.00
C ASP G 24 6.13 -23.22 9.45
N THR G 25 7.05 -22.70 8.63
CA THR G 25 6.95 -21.33 8.11
C THR G 25 7.48 -21.30 6.67
N GLU G 26 6.88 -22.12 5.82
CA GLU G 26 7.20 -22.25 4.41
C GLU G 26 6.14 -23.18 3.84
N LEU G 27 5.70 -24.11 4.68
CA LEU G 27 4.61 -25.05 4.40
C LEU G 27 3.28 -24.55 4.96
N ALA G 28 3.28 -24.16 6.23
CA ALA G 28 2.05 -23.74 6.91
C ALA G 28 1.68 -22.31 6.58
N ARG G 29 2.66 -21.41 6.61
CA ARG G 29 2.41 -20.01 6.27
C ARG G 29 1.92 -19.88 4.84
N SER G 30 2.46 -20.69 3.93
CA SER G 30 2.04 -20.65 2.54
C SER G 30 0.59 -21.10 2.37
N ILE G 31 0.18 -22.13 3.10
CA ILE G 31 -1.19 -22.62 2.94
C ILE G 31 -2.20 -21.70 3.65
N ARG G 32 -1.84 -21.11 4.79
CA ARG G 32 -2.72 -20.09 5.35
C ARG G 32 -2.87 -18.92 4.38
N LEU G 33 -1.78 -18.53 3.71
CA LEU G 33 -1.88 -17.51 2.68
C LEU G 33 -2.78 -17.97 1.55
N ASN G 34 -2.73 -19.27 1.22
CA ASN G 34 -3.60 -19.78 0.16
C ASN G 34 -5.07 -19.68 0.54
N ILE G 35 -5.40 -19.97 1.81
CA ILE G 35 -6.77 -19.79 2.29
C ILE G 35 -7.17 -18.32 2.20
N GLU G 36 -6.29 -17.42 2.65
CA GLU G 36 -6.58 -16.00 2.58
C GLU G 36 -6.81 -15.54 1.14
N ALA G 37 -5.99 -16.04 0.20
CA ALA G 37 -6.12 -15.65 -1.20
C ALA G 37 -7.44 -16.14 -1.79
N GLU G 38 -7.81 -17.37 -1.41
CA GLU G 38 -9.11 -17.93 -1.88
C GLU G 38 -10.23 -17.03 -1.36
N LEU G 39 -10.15 -16.63 -0.09
CA LEU G 39 -11.17 -15.77 0.51
C LEU G 39 -11.23 -14.42 -0.20
N ASP G 40 -10.07 -13.87 -0.56
CA ASP G 40 -10.05 -12.60 -1.28
C ASP G 40 -10.71 -12.72 -2.64
N ALA G 41 -10.43 -13.81 -3.36
CA ALA G 41 -11.06 -14.01 -4.67
C ALA G 41 -12.57 -14.17 -4.54
N ILE G 42 -13.01 -14.95 -3.55
CA ILE G 42 -14.45 -15.15 -3.37
C ILE G 42 -15.13 -13.84 -3.01
N ASN G 43 -14.50 -13.03 -2.15
CA ASN G 43 -15.09 -11.75 -1.81
C ASN G 43 -15.20 -10.84 -3.03
N LEU G 44 -14.17 -10.85 -3.88
CA LEU G 44 -14.22 -10.01 -5.07
C LEU G 44 -15.34 -10.43 -6.02
N TYR G 45 -15.48 -11.75 -6.22
CA TYR G 45 -16.52 -12.24 -7.16
C TYR G 45 -17.91 -11.98 -6.56
N ALA G 46 -18.03 -12.08 -5.24
CA ALA G 46 -19.30 -11.80 -4.57
C ALA G 46 -19.66 -10.33 -4.62
N ALA G 47 -18.67 -9.45 -4.51
CA ALA G 47 -18.94 -8.02 -4.67
C ALA G 47 -19.34 -7.70 -6.10
N HIS G 48 -18.79 -8.43 -7.08
CA HIS G 48 -19.17 -8.17 -8.46
C HIS G 48 -20.51 -8.80 -8.83
N ILE G 49 -20.99 -9.79 -8.08
CA ILE G 49 -22.32 -10.33 -8.33
C ILE G 49 -23.38 -9.32 -7.91
N ASP G 50 -23.13 -8.57 -6.83
CA ASP G 50 -24.09 -7.59 -6.33
C ASP G 50 -23.76 -6.17 -6.81
N ALA G 51 -23.02 -6.05 -7.91
CA ALA G 51 -22.67 -4.76 -8.49
C ALA G 51 -23.07 -4.70 -9.96
N THR G 52 -23.92 -5.62 -10.38
CA THR G 52 -24.48 -5.66 -11.71
C THR G 52 -25.73 -6.53 -11.65
N ASP G 53 -26.50 -6.50 -12.73
CA ASP G 53 -27.65 -7.38 -12.88
C ASP G 53 -27.61 -8.05 -14.25
N ASN G 54 -26.40 -8.36 -14.71
CA ASN G 54 -26.21 -9.06 -15.97
C ASN G 54 -26.32 -10.55 -15.74
N GLU G 55 -26.69 -11.27 -16.78
CA GLU G 55 -26.97 -12.69 -16.66
C GLU G 55 -25.75 -13.53 -17.00
N ASP G 56 -24.96 -13.08 -17.97
CA ASP G 56 -23.69 -13.74 -18.25
C ASP G 56 -22.74 -13.59 -17.07
N ALA G 57 -22.58 -12.36 -16.60
CA ALA G 57 -21.74 -12.10 -15.43
C ALA G 57 -22.24 -12.85 -14.21
N LYS G 58 -23.54 -12.82 -13.95
CA LYS G 58 -24.06 -13.51 -12.77
C LYS G 58 -23.75 -15.00 -12.85
N ALA G 59 -24.01 -15.60 -14.02
CA ALA G 59 -23.86 -17.06 -14.14
C ALA G 59 -22.40 -17.47 -14.00
N ILE G 60 -21.51 -16.83 -14.76
CA ILE G 60 -20.12 -17.28 -14.73
C ILE G 60 -19.44 -16.87 -13.42
N LEU G 61 -19.83 -15.74 -12.83
CA LEU G 61 -19.30 -15.35 -11.53
C LEU G 61 -19.75 -16.31 -10.44
N GLN G 62 -21.00 -16.78 -10.50
CA GLN G 62 -21.44 -17.77 -9.52
C GLN G 62 -20.72 -19.10 -9.73
N HIS G 63 -20.43 -19.45 -11.00
CA HIS G 63 -19.66 -20.67 -11.26
C HIS G 63 -18.25 -20.57 -10.67
N VAL G 64 -17.56 -19.47 -10.96
CA VAL G 64 -16.22 -19.27 -10.45
C VAL G 64 -16.24 -19.20 -8.93
N MET G 65 -17.29 -18.60 -8.36
CA MET G 65 -17.41 -18.56 -6.90
C MET G 65 -17.57 -19.96 -6.33
N ASP G 66 -18.33 -20.82 -7.01
CA ASP G 66 -18.50 -22.20 -6.57
C ASP G 66 -17.16 -22.94 -6.58
N GLU G 67 -16.38 -22.73 -7.64
CA GLU G 67 -15.09 -23.41 -7.72
C GLU G 67 -14.07 -22.85 -6.72
N GLU G 68 -14.10 -21.54 -6.51
CA GLU G 68 -13.20 -20.98 -5.48
C GLU G 68 -13.57 -21.56 -4.13
N ARG G 69 -14.87 -21.64 -3.86
CA ARG G 69 -15.33 -22.23 -2.60
C ARG G 69 -14.79 -23.64 -2.43
N GLU G 70 -14.79 -24.40 -3.53
CA GLU G 70 -14.19 -25.74 -3.50
C GLU G 70 -12.71 -25.66 -3.14
N HIS G 71 -11.99 -24.73 -3.76
CA HIS G 71 -10.57 -24.54 -3.46
C HIS G 71 -10.35 -24.19 -2.00
N ALA G 72 -11.18 -23.29 -1.46
CA ALA G 72 -11.00 -22.87 -0.08
C ALA G 72 -11.25 -24.02 0.90
N ALA G 73 -12.28 -24.83 0.64
CA ALA G 73 -12.54 -25.97 1.50
C ALA G 73 -11.37 -26.95 1.47
N LEU G 74 -10.82 -27.17 0.28
CA LEU G 74 -9.71 -28.12 0.15
C LEU G 74 -8.47 -27.59 0.86
N PHE G 75 -8.15 -26.29 0.71
CA PHE G 75 -7.04 -25.71 1.44
C PHE G 75 -7.24 -25.82 2.95
N TRP G 76 -8.49 -25.70 3.39
CA TRP G 76 -8.77 -25.83 4.82
C TRP G 76 -8.47 -27.24 5.30
N GLU G 77 -8.84 -28.25 4.51
CA GLU G 77 -8.50 -29.61 4.89
C GLU G 77 -6.99 -29.80 4.90
N LEU G 78 -6.28 -29.12 3.99
CA LEU G 78 -4.81 -29.23 3.98
C LEU G 78 -4.23 -28.72 5.30
N ILE G 79 -4.64 -27.53 5.72
CA ILE G 79 -4.17 -27.02 7.01
C ILE G 79 -4.66 -27.87 8.18
N ALA G 80 -5.74 -28.63 8.00
CA ALA G 80 -6.14 -29.56 9.06
C ALA G 80 -5.04 -30.59 9.30
N ARG G 81 -4.40 -31.07 8.23
CA ARG G 81 -3.34 -32.06 8.36
C ARG G 81 -1.97 -31.43 8.60
N LEU G 82 -1.93 -30.16 9.00
CA LEU G 82 -0.69 -29.47 9.34
C LEU G 82 -0.64 -29.06 10.80
N ASP G 83 0.00 -27.93 11.08
CA ASP G 83 0.20 -27.32 12.39
C ASP G 83 -1.05 -26.92 13.18
N PRO G 84 -2.13 -26.44 12.57
CA PRO G 84 -3.36 -26.25 13.36
C PRO G 84 -4.03 -27.56 13.65
N GLU G 85 -4.93 -27.51 14.63
CA GLU G 85 -5.56 -28.71 15.16
C GLU G 85 -7.07 -28.63 15.01
N GLN G 86 -7.68 -29.78 14.78
CA GLN G 86 -9.12 -29.86 14.85
C GLN G 86 -9.59 -30.05 16.29
N ALA G 87 -8.71 -29.79 17.26
CA ALA G 87 -9.14 -29.82 18.65
C ALA G 87 -9.97 -28.58 18.98
N ALA G 88 -9.87 -27.56 18.14
CA ALA G 88 -10.74 -26.39 18.17
C ALA G 88 -11.75 -26.39 17.03
N HIS G 89 -11.34 -26.90 15.87
CA HIS G 89 -12.22 -26.99 14.70
C HIS G 89 -13.08 -28.24 14.70
N ALA G 90 -13.07 -29.00 15.81
CA ALA G 90 -14.09 -29.99 16.12
C ALA G 90 -14.92 -29.59 17.32
N LYS G 91 -14.39 -28.69 18.15
CA LYS G 91 -15.14 -28.15 19.28
C LYS G 91 -15.76 -26.82 18.93
N GLU G 92 -15.72 -26.45 17.64
CA GLU G 92 -16.31 -25.20 17.21
C GLU G 92 -17.80 -25.37 16.98
N ALA G 93 -18.21 -26.53 16.47
CA ALA G 93 -19.62 -26.82 16.31
C ALA G 93 -20.32 -27.01 17.65
N VAL G 94 -19.57 -27.41 18.68
CA VAL G 94 -20.15 -27.54 20.01
C VAL G 94 -20.08 -26.22 20.78
N GLU G 95 -19.07 -25.39 20.50
CA GLU G 95 -18.93 -24.11 21.17
C GLU G 95 -19.78 -23.00 20.55
N LYS G 96 -20.28 -23.17 19.33
CA LYS G 96 -21.11 -22.12 18.73
C LYS G 96 -22.45 -21.92 19.44
N TYR G 97 -23.17 -23.00 19.73
CA TYR G 97 -24.48 -22.81 20.35
C TYR G 97 -24.39 -22.25 21.76
N ARG G 98 -23.31 -22.57 22.48
CA ARG G 98 -23.16 -22.11 23.86
C ARG G 98 -22.77 -20.65 23.97
N LEU G 99 -22.54 -19.98 22.85
CA LEU G 99 -22.24 -18.55 22.80
C LEU G 99 -23.49 -17.87 22.27
N ILE G 100 -24.37 -17.48 23.19
CA ILE G 100 -25.71 -16.98 22.88
C ILE G 100 -26.49 -18.03 22.11
N THR H 23 26.78 8.14 8.32
CA THR H 23 26.85 9.59 8.33
C THR H 23 25.89 10.17 7.28
N ASP H 24 25.61 9.39 6.24
CA ASP H 24 24.75 9.80 5.13
C ASP H 24 23.35 9.26 5.34
N THR H 25 22.85 8.48 4.37
CA THR H 25 21.53 7.88 4.47
C THR H 25 21.35 7.18 5.80
N GLU H 26 22.39 6.50 6.26
CA GLU H 26 22.37 5.88 7.58
C GLU H 26 21.96 6.88 8.64
N LEU H 27 22.39 8.14 8.50
CA LEU H 27 22.03 9.17 9.45
C LEU H 27 21.05 10.20 8.91
N ALA H 28 21.25 10.72 7.69
CA ALA H 28 20.45 11.82 7.18
C ALA H 28 19.06 11.39 6.71
N ARG H 29 18.99 10.31 5.93
CA ARG H 29 17.70 9.82 5.45
C ARG H 29 16.82 9.42 6.63
N SER H 30 17.41 8.83 7.67
CA SER H 30 16.65 8.43 8.84
C SER H 30 16.10 9.65 9.58
N ILE H 31 16.87 10.74 9.66
CA ILE H 31 16.38 11.92 10.37
C ILE H 31 15.30 12.63 9.56
N ARG H 32 15.44 12.65 8.23
CA ARG H 32 14.32 13.14 7.42
C ARG H 32 13.07 12.33 7.69
N LEU H 33 13.22 10.99 7.74
CA LEU H 33 12.09 10.11 7.98
C LEU H 33 11.46 10.36 9.33
N ASN H 34 12.28 10.62 10.34
CA ASN H 34 11.74 10.93 11.66
C ASN H 34 10.97 12.24 11.64
N ILE H 35 11.44 13.21 10.84
CA ILE H 35 10.66 14.44 10.66
C ILE H 35 9.29 14.13 10.06
N GLU H 36 9.26 13.28 9.01
CA GLU H 36 7.97 12.85 8.47
C GLU H 36 7.10 12.19 9.54
N ALA H 37 7.70 11.33 10.36
CA ALA H 37 6.89 10.60 11.35
C ALA H 37 6.31 11.56 12.39
N GLU H 38 7.12 12.50 12.84
CA GLU H 38 6.64 13.51 13.81
C GLU H 38 5.46 14.26 13.19
N LEU H 39 5.65 14.79 11.99
CA LEU H 39 4.60 15.58 11.34
C LEU H 39 3.34 14.76 11.11
N ASP H 40 3.51 13.48 10.75
CA ASP H 40 2.36 12.60 10.57
C ASP H 40 1.61 12.42 11.88
N ALA H 41 2.34 12.31 12.99
CA ALA H 41 1.67 12.20 14.28
C ALA H 41 0.88 13.47 14.59
N ILE H 42 1.44 14.64 14.27
CA ILE H 42 0.72 15.89 14.50
C ILE H 42 -0.55 15.94 13.66
N ASN H 43 -0.46 15.53 12.39
CA ASN H 43 -1.64 15.56 11.53
C ASN H 43 -2.70 14.57 11.99
N LEU H 44 -2.29 13.36 12.41
CA LEU H 44 -3.25 12.37 12.86
C LEU H 44 -3.94 12.82 14.14
N TYR H 45 -3.18 13.35 15.11
CA TYR H 45 -3.79 13.80 16.34
C TYR H 45 -4.67 15.03 16.09
N ALA H 46 -4.32 15.85 15.10
CA ALA H 46 -5.18 16.96 14.72
C ALA H 46 -6.48 16.47 14.11
N ALA H 47 -6.41 15.39 13.33
CA ALA H 47 -7.61 14.77 12.79
C ALA H 47 -8.47 14.18 13.89
N HIS H 48 -7.86 13.67 14.95
CA HIS H 48 -8.64 13.14 16.06
C HIS H 48 -9.18 14.22 16.97
N ILE H 49 -8.53 15.39 17.01
CA ILE H 49 -9.04 16.53 17.77
C ILE H 49 -10.25 17.15 17.08
N ASP H 50 -10.26 17.14 15.74
CA ASP H 50 -11.35 17.72 14.97
C ASP H 50 -12.40 16.68 14.65
N ALA H 51 -12.45 15.61 15.45
CA ALA H 51 -13.39 14.51 15.30
C ALA H 51 -14.15 14.29 16.59
N THR H 52 -14.17 15.29 17.47
CA THR H 52 -14.95 15.25 18.69
C THR H 52 -15.11 16.69 19.18
N ASP H 53 -16.03 16.86 20.13
CA ASP H 53 -16.26 18.12 20.82
C ASP H 53 -16.26 17.87 22.32
N ASN H 54 -15.39 16.96 22.76
CA ASN H 54 -15.22 16.59 24.15
C ASN H 54 -14.26 17.57 24.80
N GLU H 55 -13.55 17.16 25.85
CA GLU H 55 -12.66 18.08 26.53
C GLU H 55 -11.45 17.35 27.11
N ASP H 56 -11.67 16.13 27.60
CA ASP H 56 -10.54 15.34 28.10
C ASP H 56 -9.62 14.93 26.97
N ALA H 57 -10.17 14.26 25.96
CA ALA H 57 -9.38 13.87 24.79
C ALA H 57 -8.85 15.10 24.07
N LYS H 58 -9.69 16.12 23.88
CA LYS H 58 -9.25 17.31 23.18
C LYS H 58 -8.06 17.96 23.88
N ALA H 59 -8.13 18.11 25.21
CA ALA H 59 -7.06 18.80 25.94
C ALA H 59 -5.77 17.98 25.94
N ILE H 60 -5.85 16.70 26.30
CA ILE H 60 -4.61 15.94 26.39
C ILE H 60 -4.03 15.67 25.01
N LEU H 61 -4.89 15.56 23.99
CA LEU H 61 -4.42 15.45 22.62
C LEU H 61 -3.77 16.76 22.18
N GLN H 62 -4.25 17.91 22.66
CA GLN H 62 -3.57 19.16 22.35
C GLN H 62 -2.19 19.17 22.98
N HIS H 63 -2.05 18.59 24.17
CA HIS H 63 -0.72 18.48 24.78
C HIS H 63 0.20 17.60 23.95
N VAL H 64 -0.27 16.41 23.58
CA VAL H 64 0.54 15.49 22.78
C VAL H 64 0.89 16.12 21.43
N MET H 65 -0.06 16.88 20.87
CA MET H 65 0.15 17.59 19.62
C MET H 65 1.25 18.64 19.75
N ASP H 66 1.23 19.39 20.84
CA ASP H 66 2.25 20.40 21.08
C ASP H 66 3.62 19.76 21.21
N GLU H 67 3.68 18.62 21.92
CA GLU H 67 4.97 17.94 22.08
C GLU H 67 5.48 17.36 20.77
N GLU H 68 4.56 16.85 19.94
CA GLU H 68 4.97 16.32 18.60
C GLU H 68 5.56 17.48 17.79
N ARG H 69 4.91 18.65 17.83
CA ARG H 69 5.41 19.80 17.08
C ARG H 69 6.80 20.21 17.55
N GLU H 70 7.02 20.18 18.87
CA GLU H 70 8.36 20.45 19.40
C GLU H 70 9.36 19.43 18.87
N HIS H 71 8.94 18.16 18.81
CA HIS H 71 9.83 17.10 18.28
C HIS H 71 10.24 17.45 16.85
N ALA H 72 9.25 17.80 16.00
CA ALA H 72 9.56 18.08 14.60
C ALA H 72 10.52 19.25 14.48
N ALA H 73 10.30 20.30 15.29
CA ALA H 73 11.23 21.43 15.28
C ALA H 73 12.62 21.01 15.71
N LEU H 74 12.71 20.11 16.70
CA LEU H 74 14.00 19.66 17.20
C LEU H 74 14.77 18.88 16.15
N PHE H 75 14.09 17.94 15.47
CA PHE H 75 14.73 17.20 14.39
C PHE H 75 15.14 18.14 13.26
N TRP H 76 14.35 19.19 13.03
CA TRP H 76 14.68 20.16 11.99
C TRP H 76 15.97 20.92 12.33
N GLU H 77 16.10 21.34 13.59
CA GLU H 77 17.34 22.02 13.98
C GLU H 77 18.53 21.07 13.96
N LEU H 78 18.32 19.80 14.31
CA LEU H 78 19.43 18.84 14.22
C LEU H 78 19.90 18.67 12.79
N ILE H 79 18.96 18.45 11.86
CA ILE H 79 19.37 18.25 10.46
C ILE H 79 20.00 19.52 9.91
N ALA H 80 19.61 20.69 10.42
CA ALA H 80 20.29 21.91 10.02
C ALA H 80 21.71 21.93 10.55
N ARG H 81 21.91 21.50 11.80
CA ARG H 81 23.22 21.50 12.45
C ARG H 81 24.03 20.25 12.15
N LEU H 82 23.67 19.56 11.06
CA LEU H 82 24.43 18.38 10.57
C LEU H 82 25.15 18.86 9.33
N ASP H 83 25.52 17.94 8.44
CA ASP H 83 26.22 18.32 7.21
C ASP H 83 25.38 19.11 6.21
N PRO H 84 24.12 18.73 5.91
CA PRO H 84 23.44 19.30 4.73
C PRO H 84 23.33 20.82 4.77
N GLU H 85 22.93 21.38 3.64
CA GLU H 85 22.95 22.82 3.45
C GLU H 85 21.60 23.37 3.90
N GLN H 86 21.58 23.95 5.10
CA GLN H 86 20.44 24.68 5.62
C GLN H 86 20.44 26.12 5.16
N ALA H 87 21.20 26.45 4.11
CA ALA H 87 21.22 27.79 3.58
C ALA H 87 19.88 28.17 2.97
N ALA H 88 19.01 27.19 2.72
CA ALA H 88 17.64 27.50 2.34
C ALA H 88 16.86 27.94 3.56
N HIS H 89 17.17 27.40 4.73
CA HIS H 89 16.54 27.87 5.96
C HIS H 89 17.20 29.13 6.50
N ALA H 90 17.99 29.81 5.69
CA ALA H 90 18.43 31.16 6.00
C ALA H 90 17.81 32.17 5.05
N LYS H 91 17.33 31.67 3.93
CA LYS H 91 16.76 32.55 2.90
C LYS H 91 15.28 32.23 2.87
N GLU H 92 14.82 31.46 3.85
CA GLU H 92 13.41 31.12 3.94
C GLU H 92 12.63 32.29 4.54
N ALA H 93 13.26 33.00 5.47
CA ALA H 93 12.69 34.21 6.04
C ALA H 93 12.62 35.33 5.02
N VAL H 94 13.46 35.30 3.98
CA VAL H 94 13.38 36.33 2.95
C VAL H 94 12.41 35.91 1.84
N GLU H 95 12.27 34.61 1.59
CA GLU H 95 11.34 34.15 0.57
C GLU H 95 9.90 34.17 1.07
N LYS H 96 9.69 34.12 2.39
CA LYS H 96 8.36 34.37 2.93
C LYS H 96 8.01 35.85 2.84
N TYR H 97 8.93 36.73 3.25
CA TYR H 97 8.67 38.17 3.22
C TYR H 97 8.55 38.72 1.81
N ARG H 98 9.18 38.06 0.84
CA ARG H 98 9.23 38.63 -0.49
C ARG H 98 7.90 38.60 -1.22
N LEU H 99 6.90 37.93 -0.70
CA LEU H 99 5.63 37.91 -1.41
C LEU H 99 4.62 38.75 -0.61
N ILE H 100 4.64 40.06 -0.88
CA ILE H 100 3.85 41.06 -0.13
C ILE H 100 4.14 41.01 1.36
N MET I 22 -21.82 2.80 -15.72
CA MET I 22 -22.45 1.74 -14.95
C MET I 22 -22.70 0.50 -15.81
N THR I 23 -22.02 0.45 -16.96
CA THR I 23 -22.09 -0.70 -17.85
C THR I 23 -20.71 -1.02 -18.37
N ASP I 24 -19.86 0.01 -18.42
CA ASP I 24 -18.48 -0.12 -18.91
C ASP I 24 -17.55 -0.27 -17.72
N THR I 25 -17.33 0.83 -17.00
CA THR I 25 -16.36 0.88 -15.92
C THR I 25 -16.93 0.35 -14.61
N GLU I 26 -18.23 0.06 -14.56
CA GLU I 26 -18.73 -0.65 -13.39
C GLU I 26 -18.53 -2.15 -13.55
N LEU I 27 -18.73 -2.66 -14.76
CA LEU I 27 -18.60 -4.09 -15.06
C LEU I 27 -17.32 -4.49 -15.78
N ALA I 28 -16.85 -3.74 -16.78
CA ALA I 28 -15.71 -4.21 -17.57
C ALA I 28 -14.42 -4.12 -16.77
N ARG I 29 -14.20 -3.02 -16.06
CA ARG I 29 -13.02 -2.95 -15.20
C ARG I 29 -13.09 -4.03 -14.14
N SER I 30 -14.30 -4.35 -13.67
CA SER I 30 -14.47 -5.40 -12.68
C SER I 30 -14.11 -6.78 -13.25
N ILE I 31 -14.45 -7.02 -14.53
CA ILE I 31 -14.13 -8.32 -15.10
C ILE I 31 -12.63 -8.44 -15.38
N ARG I 32 -12.01 -7.36 -15.83
CA ARG I 32 -10.56 -7.33 -15.93
C ARG I 32 -9.91 -7.57 -14.57
N LEU I 33 -10.48 -6.97 -13.52
CA LEU I 33 -9.98 -7.19 -12.16
C LEU I 33 -10.12 -8.65 -11.73
N ASN I 34 -11.22 -9.29 -12.11
CA ASN I 34 -11.40 -10.70 -11.79
C ASN I 34 -10.33 -11.53 -12.48
N ILE I 35 -10.01 -11.17 -13.73
CA ILE I 35 -8.91 -11.80 -14.46
C ILE I 35 -7.59 -11.58 -13.74
N GLU I 36 -7.36 -10.36 -13.24
CA GLU I 36 -6.16 -10.06 -12.46
C GLU I 36 -6.04 -10.97 -11.25
N ALA I 37 -7.17 -11.18 -10.56
CA ALA I 37 -7.16 -12.03 -9.37
C ALA I 37 -6.84 -13.47 -9.75
N GLU I 38 -7.27 -13.85 -10.93
CA GLU I 38 -7.06 -15.25 -11.37
C GLU I 38 -5.59 -15.42 -11.68
N LEU I 39 -5.01 -14.43 -12.34
CA LEU I 39 -3.60 -14.48 -12.70
C LEU I 39 -2.70 -14.49 -11.46
N ASP I 40 -3.02 -13.65 -10.48
CA ASP I 40 -2.24 -13.66 -9.24
C ASP I 40 -2.41 -14.97 -8.50
N ALA I 41 -3.61 -15.55 -8.54
CA ALA I 41 -3.81 -16.85 -7.90
C ALA I 41 -2.93 -17.90 -8.55
N ILE I 42 -2.84 -17.89 -9.88
CA ILE I 42 -1.99 -18.87 -10.57
C ILE I 42 -0.52 -18.67 -10.20
N ASN I 43 -0.07 -17.42 -10.17
CA ASN I 43 1.33 -17.17 -9.82
C ASN I 43 1.64 -17.58 -8.38
N LEU I 44 0.75 -17.25 -7.44
CA LEU I 44 0.96 -17.61 -6.05
C LEU I 44 0.93 -19.12 -5.86
N TYR I 45 -0.03 -19.78 -6.51
CA TYR I 45 -0.12 -21.26 -6.39
C TYR I 45 1.18 -21.86 -6.93
N ALA I 46 1.66 -21.38 -8.08
CA ALA I 46 2.87 -21.96 -8.67
C ALA I 46 4.07 -21.74 -7.77
N ALA I 47 4.15 -20.57 -7.11
CA ALA I 47 5.24 -20.34 -6.18
C ALA I 47 5.14 -21.28 -4.99
N HIS I 48 3.93 -21.63 -4.57
CA HIS I 48 3.79 -22.58 -3.46
C HIS I 48 3.95 -24.03 -3.90
N ILE I 49 3.73 -24.35 -5.17
CA ILE I 49 4.01 -25.69 -5.68
C ILE I 49 5.51 -25.91 -5.77
N ASP I 50 6.27 -24.86 -6.09
CA ASP I 50 7.71 -24.98 -6.25
C ASP I 50 8.47 -24.68 -4.96
N ALA I 51 7.84 -24.87 -3.80
CA ALA I 51 8.46 -24.58 -2.52
C ALA I 51 8.44 -25.77 -1.56
N THR I 52 8.26 -26.98 -2.07
CA THR I 52 8.28 -28.18 -1.23
C THR I 52 8.52 -29.39 -2.11
N ASP I 53 8.64 -30.56 -1.48
CA ASP I 53 8.76 -31.82 -2.19
C ASP I 53 7.66 -32.78 -1.74
N ASN I 54 6.49 -32.24 -1.41
CA ASN I 54 5.33 -33.05 -1.11
C ASN I 54 4.55 -33.27 -2.40
N GLU I 55 3.90 -34.42 -2.49
CA GLU I 55 3.19 -34.79 -3.70
C GLU I 55 1.68 -34.60 -3.58
N ASP I 56 1.12 -34.79 -2.39
CA ASP I 56 -0.32 -34.55 -2.21
C ASP I 56 -0.63 -33.08 -2.43
N ALA I 57 0.08 -32.21 -1.72
CA ALA I 57 -0.09 -30.78 -1.88
C ALA I 57 0.23 -30.34 -3.30
N LYS I 58 1.32 -30.87 -3.88
CA LYS I 58 1.68 -30.49 -5.24
C LYS I 58 0.56 -30.83 -6.21
N ALA I 59 0.02 -32.05 -6.13
CA ALA I 59 -0.98 -32.48 -7.11
C ALA I 59 -2.26 -31.68 -6.99
N ILE I 60 -2.78 -31.53 -5.78
CA ILE I 60 -4.04 -30.81 -5.62
C ILE I 60 -3.85 -29.31 -5.85
N LEU I 61 -2.68 -28.76 -5.53
CA LEU I 61 -2.42 -27.35 -5.82
C LEU I 61 -2.28 -27.12 -7.32
N GLN I 62 -1.66 -28.05 -8.04
CA GLN I 62 -1.59 -27.93 -9.50
C GLN I 62 -2.97 -28.06 -10.10
N HIS I 63 -3.82 -28.90 -9.50
CA HIS I 63 -5.21 -29.00 -9.93
C HIS I 63 -5.93 -27.67 -9.74
N VAL I 64 -5.79 -27.08 -8.56
CA VAL I 64 -6.43 -25.79 -8.29
C VAL I 64 -5.88 -24.73 -9.24
N MET I 65 -4.59 -24.80 -9.56
CA MET I 65 -4.01 -23.88 -10.54
C MET I 65 -4.63 -24.08 -11.91
N ASP I 66 -4.89 -25.34 -12.28
CA ASP I 66 -5.54 -25.62 -13.55
C ASP I 66 -6.94 -25.03 -13.59
N GLU I 67 -7.68 -25.12 -12.48
CA GLU I 67 -8.99 -24.45 -12.43
C GLU I 67 -8.86 -22.94 -12.46
N GLU I 68 -7.80 -22.41 -11.83
CA GLU I 68 -7.58 -20.94 -11.90
C GLU I 68 -7.37 -20.56 -13.37
N ARG I 69 -6.61 -21.37 -14.09
CA ARG I 69 -6.38 -21.14 -15.52
C ARG I 69 -7.69 -21.20 -16.29
N GLU I 70 -8.54 -22.16 -15.94
CA GLU I 70 -9.87 -22.25 -16.54
C GLU I 70 -10.69 -21.00 -16.24
N HIS I 71 -10.62 -20.50 -15.00
CA HIS I 71 -11.32 -19.28 -14.61
C HIS I 71 -10.83 -18.08 -15.42
N ALA I 72 -9.51 -17.93 -15.56
CA ALA I 72 -8.98 -16.82 -16.33
C ALA I 72 -9.44 -16.93 -17.77
N ALA I 73 -9.46 -18.16 -18.30
CA ALA I 73 -9.95 -18.41 -19.65
C ALA I 73 -11.43 -18.04 -19.79
N LEU I 74 -12.23 -18.38 -18.78
CA LEU I 74 -13.65 -18.11 -18.81
C LEU I 74 -13.94 -16.60 -18.80
N PHE I 75 -13.28 -15.89 -17.88
CA PHE I 75 -13.44 -14.45 -17.83
C PHE I 75 -12.92 -13.78 -19.09
N TRP I 76 -11.88 -14.35 -19.71
CA TRP I 76 -11.38 -13.80 -20.97
C TRP I 76 -12.42 -13.96 -22.08
N GLU I 77 -13.07 -15.11 -22.16
CA GLU I 77 -14.14 -15.26 -23.14
C GLU I 77 -15.30 -14.35 -22.82
N LEU I 78 -15.57 -14.10 -21.54
CA LEU I 78 -16.62 -13.18 -21.15
C LEU I 78 -16.31 -11.77 -21.66
N ILE I 79 -15.08 -11.30 -21.41
CA ILE I 79 -14.72 -9.95 -21.85
C ILE I 79 -14.66 -9.86 -23.37
N ALA I 80 -14.43 -10.97 -24.07
CA ALA I 80 -14.46 -10.91 -25.53
C ALA I 80 -15.86 -10.57 -26.01
N ARG I 81 -16.88 -11.23 -25.46
CA ARG I 81 -18.27 -10.90 -25.79
C ARG I 81 -18.77 -9.83 -24.83
N LEU I 82 -18.10 -8.69 -24.88
CA LEU I 82 -18.43 -7.55 -24.03
C LEU I 82 -17.89 -6.30 -24.73
N ASP I 83 -17.74 -5.22 -23.97
CA ASP I 83 -17.47 -3.92 -24.59
C ASP I 83 -16.10 -3.77 -25.23
N PRO I 84 -15.01 -4.37 -24.77
CA PRO I 84 -13.72 -4.18 -25.45
C PRO I 84 -13.72 -4.76 -26.85
N GLU I 85 -12.71 -4.35 -27.63
CA GLU I 85 -12.63 -4.68 -29.05
C GLU I 85 -11.70 -5.87 -29.23
N GLN I 86 -12.24 -6.96 -29.77
CA GLN I 86 -11.47 -8.15 -30.13
C GLN I 86 -10.90 -8.10 -31.54
N ALA I 87 -10.77 -6.91 -32.12
CA ALA I 87 -10.14 -6.79 -33.43
C ALA I 87 -8.63 -7.06 -33.36
N ALA I 88 -8.05 -7.05 -32.16
CA ALA I 88 -6.66 -7.46 -32.00
C ALA I 88 -6.52 -8.97 -32.05
N HIS I 89 -7.52 -9.71 -31.58
CA HIS I 89 -7.50 -11.17 -31.58
C HIS I 89 -7.89 -11.79 -32.93
N ALA I 90 -7.89 -11.03 -34.02
CA ALA I 90 -7.97 -11.66 -35.33
C ALA I 90 -6.69 -11.52 -36.15
N LYS I 91 -5.94 -10.43 -35.98
CA LYS I 91 -4.65 -10.25 -36.63
C LYS I 91 -3.49 -10.37 -35.64
N GLU I 92 -3.75 -10.84 -34.43
CA GLU I 92 -2.71 -10.92 -33.42
C GLU I 92 -1.81 -12.12 -33.65
N ALA I 93 -2.35 -13.22 -34.16
CA ALA I 93 -1.53 -14.36 -34.50
C ALA I 93 -0.58 -14.05 -35.65
N VAL I 94 -0.92 -13.07 -36.49
CA VAL I 94 -0.02 -12.68 -37.57
C VAL I 94 0.96 -11.59 -37.12
N GLU I 95 0.56 -10.68 -36.23
CA GLU I 95 1.51 -9.68 -35.77
C GLU I 95 2.46 -10.25 -34.74
N LYS I 96 2.10 -11.38 -34.12
CA LYS I 96 3.04 -12.13 -33.32
C LYS I 96 4.14 -12.71 -34.20
N TYR I 97 3.73 -13.39 -35.29
CA TYR I 97 4.69 -13.93 -36.25
C TYR I 97 5.33 -12.85 -37.12
N ARG I 98 4.71 -11.67 -37.25
CA ARG I 98 5.21 -10.61 -38.13
C ARG I 98 6.54 -10.06 -37.64
N LEU I 99 7.04 -10.59 -36.53
CA LEU I 99 8.35 -10.26 -35.98
C LEU I 99 9.26 -11.42 -36.38
N ILE I 100 9.87 -11.29 -37.56
CA ILE I 100 10.65 -12.35 -38.20
C ILE I 100 9.81 -13.59 -38.39
N VAL J 18 23.12 -7.39 -12.41
CA VAL J 18 24.55 -7.03 -12.39
C VAL J 18 25.04 -6.46 -13.73
N PRO J 19 24.76 -7.14 -14.87
CA PRO J 19 25.17 -6.57 -16.15
C PRO J 19 24.56 -5.20 -16.39
N ARG J 20 25.16 -4.18 -15.80
CA ARG J 20 24.71 -2.80 -15.93
C ARG J 20 25.90 -1.92 -16.20
N LYS J 21 25.88 -1.22 -17.33
CA LYS J 21 26.99 -0.35 -17.71
C LYS J 21 27.07 0.89 -16.83
N MET J 22 26.55 0.78 -15.60
CA MET J 22 26.53 1.84 -14.60
C MET J 22 25.72 3.05 -15.06
N THR J 23 25.90 3.46 -16.32
CA THR J 23 25.28 4.65 -16.88
C THR J 23 24.26 4.38 -17.97
N ASP J 24 24.27 3.20 -18.59
CA ASP J 24 23.43 2.92 -19.75
C ASP J 24 22.12 2.21 -19.43
N THR J 25 21.84 1.89 -18.15
CA THR J 25 20.63 1.10 -17.87
C THR J 25 20.11 1.13 -16.43
N GLU J 26 20.89 1.64 -15.48
CA GLU J 26 20.40 1.70 -14.10
C GLU J 26 19.59 2.98 -13.85
N LEU J 27 20.26 4.13 -13.95
CA LEU J 27 19.63 5.42 -13.71
C LEU J 27 18.48 5.70 -14.67
N ALA J 28 18.31 4.93 -15.73
CA ALA J 28 17.26 5.24 -16.68
C ALA J 28 15.91 4.91 -16.08
N ARG J 29 15.80 3.72 -15.48
CA ARG J 29 14.60 3.39 -14.73
C ARG J 29 14.44 4.33 -13.54
N SER J 30 15.56 4.68 -12.89
CA SER J 30 15.52 5.59 -11.75
C SER J 30 15.07 6.99 -12.15
N ILE J 31 15.52 7.48 -13.31
CA ILE J 31 15.09 8.82 -13.71
C ILE J 31 13.64 8.81 -14.21
N ARG J 32 13.18 7.72 -14.84
CA ARG J 32 11.76 7.61 -15.10
C ARG J 32 10.96 7.66 -13.79
N LEU J 33 11.49 7.03 -12.74
CA LEU J 33 10.86 7.13 -11.43
C LEU J 33 10.82 8.58 -10.94
N ASN J 34 11.89 9.32 -11.15
CA ASN J 34 11.93 10.72 -10.74
C ASN J 34 10.93 11.55 -11.53
N ILE J 35 10.76 11.26 -12.81
CA ILE J 35 9.74 11.93 -13.61
C ILE J 35 8.36 11.67 -13.02
N GLU J 36 8.10 10.40 -12.68
CA GLU J 36 6.81 10.05 -12.07
C GLU J 36 6.58 10.84 -10.77
N ALA J 37 7.61 10.92 -9.93
CA ALA J 37 7.45 11.59 -8.64
C ALA J 37 7.20 13.09 -8.82
N GLU J 38 7.95 13.72 -9.73
CA GLU J 38 7.73 15.16 -10.01
C GLU J 38 6.29 15.35 -10.48
N LEU J 39 5.84 14.51 -11.42
CA LEU J 39 4.49 14.65 -11.98
C LEU J 39 3.43 14.51 -10.90
N ASP J 40 3.59 13.57 -9.98
CA ASP J 40 2.63 13.43 -8.89
C ASP J 40 2.63 14.66 -7.99
N ALA J 41 3.80 15.22 -7.73
CA ALA J 41 3.87 16.42 -6.90
C ALA J 41 3.15 17.59 -7.58
N ILE J 42 3.35 17.74 -8.89
CA ILE J 42 2.64 18.80 -9.62
C ILE J 42 1.14 18.54 -9.55
N ASN J 43 0.74 17.26 -9.61
CA ASN J 43 -0.69 16.93 -9.50
C ASN J 43 -1.24 17.37 -8.16
N LEU J 44 -0.49 17.17 -7.08
CA LEU J 44 -0.99 17.57 -5.76
C LEU J 44 -1.12 19.09 -5.68
N TYR J 45 -0.12 19.81 -6.19
CA TYR J 45 -0.19 21.27 -6.13
C TYR J 45 -1.32 21.81 -7.01
N ALA J 46 -1.61 21.12 -8.13
CA ALA J 46 -2.75 21.48 -8.97
C ALA J 46 -4.07 21.22 -8.27
N ALA J 47 -4.14 20.16 -7.46
CA ALA J 47 -5.33 19.96 -6.65
C ALA J 47 -5.47 21.03 -5.56
N HIS J 48 -4.34 21.49 -5.03
CA HIS J 48 -4.34 22.47 -3.95
C HIS J 48 -4.54 23.93 -4.39
N ILE J 49 -4.37 24.25 -5.67
CA ILE J 49 -4.61 25.64 -6.09
C ILE J 49 -6.07 26.03 -5.87
N ASP J 50 -7.00 25.11 -6.10
CA ASP J 50 -8.43 25.39 -5.99
C ASP J 50 -9.01 24.91 -4.66
N ALA J 51 -8.22 24.90 -3.58
CA ALA J 51 -8.68 24.40 -2.30
C ALA J 51 -8.59 25.40 -1.16
N THR J 52 -8.50 26.70 -1.47
CA THR J 52 -8.49 27.73 -0.45
C THR J 52 -8.82 29.07 -1.07
N ASP J 53 -8.98 30.08 -0.23
CA ASP J 53 -9.12 31.46 -0.69
C ASP J 53 -8.08 32.35 -0.04
N ASN J 54 -6.90 31.78 0.23
CA ASN J 54 -5.75 32.54 0.63
C ASN J 54 -5.05 32.89 -0.67
N GLU J 55 -4.45 34.07 -0.74
CA GLU J 55 -3.89 34.49 -2.02
C GLU J 55 -2.38 34.36 -2.08
N ASP J 56 -1.71 34.65 -0.97
CA ASP J 56 -0.27 34.48 -0.89
C ASP J 56 0.10 32.99 -0.90
N ALA J 57 -0.58 32.18 -0.10
CA ALA J 57 -0.34 30.75 -0.12
C ALA J 57 -0.59 30.17 -1.51
N LYS J 58 -1.68 30.58 -2.15
CA LYS J 58 -1.94 30.13 -3.52
C LYS J 58 -0.81 30.55 -4.45
N ALA J 59 -0.30 31.77 -4.28
CA ALA J 59 0.75 32.26 -5.15
C ALA J 59 2.04 31.45 -4.98
N ILE J 60 2.42 31.17 -3.72
CA ILE J 60 3.65 30.41 -3.50
C ILE J 60 3.46 28.97 -3.97
N LEU J 61 2.23 28.45 -3.88
CA LEU J 61 1.95 27.11 -4.41
C LEU J 61 2.06 27.09 -5.93
N GLN J 62 1.60 28.15 -6.60
CA GLN J 62 1.77 28.19 -8.06
C GLN J 62 3.24 28.33 -8.42
N HIS J 63 4.02 29.05 -7.62
CA HIS J 63 5.46 29.17 -7.88
C HIS J 63 6.14 27.81 -7.74
N VAL J 64 5.91 27.12 -6.63
CA VAL J 64 6.52 25.80 -6.42
C VAL J 64 6.02 24.81 -7.47
N MET J 65 4.74 24.92 -7.85
CA MET J 65 4.19 24.03 -8.86
C MET J 65 4.86 24.24 -10.22
N ASP J 66 5.08 25.49 -10.60
CA ASP J 66 5.77 25.77 -11.86
C ASP J 66 7.21 25.30 -11.82
N GLU J 67 7.88 25.46 -10.66
CA GLU J 67 9.26 24.98 -10.56
C GLU J 67 9.34 23.45 -10.66
N GLU J 68 8.39 22.77 -10.02
CA GLU J 68 8.35 21.28 -10.13
C GLU J 68 8.04 20.92 -11.59
N ARG J 69 7.21 21.71 -12.26
CA ARG J 69 6.91 21.48 -13.67
C ARG J 69 8.19 21.57 -14.51
N GLU J 70 9.03 22.57 -14.22
CA GLU J 70 10.33 22.64 -14.89
C GLU J 70 11.18 21.43 -14.56
N HIS J 71 11.08 20.95 -13.31
CA HIS J 71 11.82 19.72 -12.94
C HIS J 71 11.38 18.59 -13.89
N ALA J 72 10.07 18.42 -14.05
CA ALA J 72 9.56 17.33 -14.87
C ALA J 72 10.05 17.46 -16.30
N ALA J 73 10.05 18.68 -16.83
CA ALA J 73 10.56 18.90 -18.18
C ALA J 73 12.05 18.54 -18.27
N LEU J 74 12.82 18.89 -17.25
CA LEU J 74 14.25 18.62 -17.25
C LEU J 74 14.54 17.12 -17.22
N PHE J 75 13.88 16.42 -16.30
CA PHE J 75 14.05 14.96 -16.23
C PHE J 75 13.58 14.30 -17.51
N TRP J 76 12.53 14.84 -18.14
CA TRP J 76 12.03 14.29 -19.38
C TRP J 76 13.04 14.45 -20.51
N GLU J 77 13.64 15.63 -20.61
CA GLU J 77 14.62 15.87 -21.66
C GLU J 77 15.86 15.01 -21.45
N LEU J 78 16.26 14.76 -20.20
CA LEU J 78 17.34 13.79 -19.96
C LEU J 78 16.93 12.39 -20.37
N ILE J 79 15.73 11.96 -19.94
CA ILE J 79 15.31 10.58 -20.15
C ILE J 79 15.18 10.27 -21.63
N ALA J 80 14.92 11.28 -22.46
CA ALA J 80 14.84 11.08 -23.90
C ALA J 80 16.19 10.78 -24.53
N ARG J 81 17.25 11.47 -24.08
CA ARG J 81 18.55 11.41 -24.73
C ARG J 81 19.45 10.25 -24.31
N LEU J 82 18.86 9.15 -23.84
CA LEU J 82 19.66 7.98 -23.47
C LEU J 82 19.41 6.85 -24.48
N ASP J 83 19.73 5.62 -24.08
CA ASP J 83 19.54 4.45 -24.94
C ASP J 83 18.08 4.18 -25.32
N PRO J 84 17.09 4.52 -24.49
CA PRO J 84 15.71 4.53 -24.99
C PRO J 84 15.58 5.42 -26.23
N GLU J 85 14.45 5.29 -26.90
CA GLU J 85 14.30 5.89 -28.22
C GLU J 85 13.73 7.29 -28.07
N GLN J 86 14.49 8.29 -28.52
CA GLN J 86 14.05 9.67 -28.57
C GLN J 86 13.30 10.01 -29.85
N ALA J 87 13.31 9.11 -30.83
CA ALA J 87 12.52 9.32 -32.04
C ALA J 87 11.04 9.11 -31.78
N ALA J 88 10.69 8.48 -30.65
CA ALA J 88 9.29 8.40 -30.27
C ALA J 88 8.81 9.74 -29.74
N HIS J 89 9.67 10.46 -29.03
CA HIS J 89 9.36 11.81 -28.62
C HIS J 89 9.76 12.84 -29.67
N ALA J 90 10.06 12.38 -30.89
CA ALA J 90 10.17 13.23 -32.06
C ALA J 90 9.05 12.97 -33.06
N LYS J 91 8.42 11.81 -32.99
CA LYS J 91 7.29 11.45 -33.83
C LYS J 91 5.97 11.67 -33.11
N GLU J 92 6.01 12.43 -32.01
CA GLU J 92 4.84 12.68 -31.18
C GLU J 92 3.98 13.82 -31.73
N ALA J 93 4.61 14.87 -32.26
CA ALA J 93 3.86 15.99 -32.82
C ALA J 93 3.15 15.60 -34.11
N VAL J 94 3.62 14.58 -34.80
CA VAL J 94 2.96 14.11 -36.01
C VAL J 94 1.87 13.11 -35.66
N GLU J 95 2.06 12.34 -34.58
CA GLU J 95 1.08 11.36 -34.15
C GLU J 95 -0.06 11.98 -33.34
N LYS J 96 0.12 13.19 -32.82
CA LYS J 96 -0.97 13.86 -32.12
C LYS J 96 -2.12 14.22 -33.06
N TYR J 97 -1.82 14.97 -34.12
CA TYR J 97 -2.84 15.35 -35.09
C TYR J 97 -3.29 14.18 -35.95
N ARG J 98 -2.49 13.12 -36.01
CA ARG J 98 -2.67 11.96 -36.88
C ARG J 98 -3.91 11.13 -36.57
N LEU J 99 -4.70 11.50 -35.57
CA LEU J 99 -5.92 10.76 -35.24
C LEU J 99 -7.09 11.48 -35.88
N ILE J 100 -7.35 11.16 -37.15
CA ILE J 100 -8.35 11.81 -37.98
C ILE J 100 -8.13 13.31 -38.03
#